data_2YQK
#
_entry.id   2YQK
#
_entity_poly.entity_id   1
_entity_poly.type   'polypeptide(L)'
_entity_poly.pdbx_seq_one_letter_code
;GSSGSSGIEKCWTEDEVKRFVKGLRQYGKNFFRIRKELLPNKETGELITFYYYWKKTSGPSSG
;
_entity_poly.pdbx_strand_id   A
#
# COMPACT_ATOMS: atom_id res chain seq x y z
N GLY A 1 -10.62 32.09 -15.74
CA GLY A 1 -9.27 32.10 -16.28
C GLY A 1 -8.60 30.74 -16.15
N SER A 2 -8.21 30.38 -14.93
CA SER A 2 -7.54 29.11 -14.70
C SER A 2 -8.56 28.02 -14.35
N SER A 3 -8.86 27.18 -15.33
CA SER A 3 -9.82 26.10 -15.13
C SER A 3 -9.12 24.74 -15.11
N GLY A 4 -9.73 23.77 -14.45
CA GLY A 4 -9.16 22.45 -14.35
C GLY A 4 -10.17 21.35 -14.65
N SER A 5 -9.71 20.10 -14.59
CA SER A 5 -10.58 18.96 -14.86
C SER A 5 -10.29 17.81 -13.89
N SER A 6 -10.99 16.70 -14.08
CA SER A 6 -10.81 15.54 -13.22
C SER A 6 -11.54 14.32 -13.79
N GLY A 7 -10.85 13.19 -13.82
CA GLY A 7 -11.45 11.98 -14.33
C GLY A 7 -10.92 10.73 -13.66
N ILE A 8 -10.60 9.71 -14.45
CA ILE A 8 -10.08 8.45 -13.92
C ILE A 8 -8.59 8.57 -13.60
N GLU A 9 -8.26 8.63 -12.32
CA GLU A 9 -6.87 8.73 -11.90
C GLU A 9 -6.35 7.39 -11.39
N LYS A 10 -5.03 7.30 -11.22
CA LYS A 10 -4.41 6.07 -10.74
C LYS A 10 -3.48 6.35 -9.56
N CYS A 11 -3.47 5.44 -8.59
CA CYS A 11 -2.62 5.59 -7.41
C CYS A 11 -1.98 4.26 -7.04
N TRP A 12 -2.81 3.23 -6.87
CA TRP A 12 -2.31 1.92 -6.50
C TRP A 12 -3.16 0.82 -7.14
N THR A 13 -2.50 -0.23 -7.62
CA THR A 13 -3.19 -1.34 -8.26
C THR A 13 -3.50 -2.45 -7.26
N GLU A 14 -4.20 -3.48 -7.73
CA GLU A 14 -4.56 -4.61 -6.86
C GLU A 14 -3.32 -5.45 -6.53
N ASP A 15 -2.48 -5.67 -7.52
CA ASP A 15 -1.26 -6.46 -7.33
C ASP A 15 -0.34 -5.80 -6.30
N GLU A 16 -0.12 -4.50 -6.46
CA GLU A 16 0.74 -3.77 -5.54
C GLU A 16 0.24 -3.89 -4.10
N VAL A 17 -1.06 -3.67 -3.91
CA VAL A 17 -1.67 -3.76 -2.59
C VAL A 17 -1.48 -5.15 -2.00
N LYS A 18 -1.85 -6.17 -2.76
CA LYS A 18 -1.72 -7.55 -2.32
C LYS A 18 -0.31 -7.84 -1.82
N ARG A 19 0.68 -7.54 -2.66
CA ARG A 19 2.08 -7.76 -2.30
C ARG A 19 2.46 -6.98 -1.05
N PHE A 20 2.04 -5.72 -1.00
CA PHE A 20 2.33 -4.86 0.15
C PHE A 20 1.92 -5.52 1.45
N VAL A 21 0.65 -5.93 1.52
CA VAL A 21 0.12 -6.58 2.71
C VAL A 21 0.89 -7.86 3.02
N LYS A 22 1.06 -8.69 2.01
CA LYS A 22 1.78 -9.95 2.16
C LYS A 22 3.17 -9.72 2.75
N GLY A 23 3.81 -8.64 2.32
CA GLY A 23 5.14 -8.32 2.81
C GLY A 23 5.12 -7.78 4.23
N LEU A 24 4.14 -6.94 4.52
CA LEU A 24 4.01 -6.35 5.85
C LEU A 24 3.65 -7.41 6.89
N ARG A 25 2.98 -8.47 6.43
CA ARG A 25 2.56 -9.55 7.31
C ARG A 25 3.67 -10.61 7.42
N GLN A 26 4.33 -10.88 6.30
CA GLN A 26 5.40 -11.87 6.26
C GLN A 26 6.65 -11.34 6.92
N TYR A 27 7.14 -10.20 6.44
CA TYR A 27 8.34 -9.60 6.99
C TYR A 27 8.01 -8.74 8.21
N GLY A 28 7.41 -7.57 7.96
CA GLY A 28 7.04 -6.68 9.04
C GLY A 28 7.46 -5.25 8.78
N LYS A 29 8.29 -4.70 9.67
CA LYS A 29 8.76 -3.34 9.53
C LYS A 29 10.11 -3.30 8.82
N ASN A 30 10.08 -3.25 7.49
CA ASN A 30 11.30 -3.21 6.70
C ASN A 30 10.98 -2.94 5.24
N PHE A 31 10.19 -1.92 4.98
CA PHE A 31 9.80 -1.55 3.62
C PHE A 31 11.04 -1.40 2.73
N PHE A 32 12.15 -1.01 3.34
CA PHE A 32 13.40 -0.83 2.60
C PHE A 32 13.74 -2.07 1.79
N ARG A 33 13.58 -3.24 2.41
CA ARG A 33 13.86 -4.50 1.74
C ARG A 33 12.60 -5.09 1.12
N ILE A 34 11.51 -5.04 1.86
CA ILE A 34 10.23 -5.56 1.37
C ILE A 34 9.89 -4.99 0.01
N ARG A 35 10.14 -3.69 -0.18
CA ARG A 35 9.85 -3.03 -1.44
C ARG A 35 10.85 -3.46 -2.51
N LYS A 36 12.11 -3.62 -2.11
CA LYS A 36 13.16 -4.03 -3.05
C LYS A 36 12.84 -5.39 -3.66
N GLU A 37 12.06 -6.19 -2.93
CA GLU A 37 11.68 -7.52 -3.41
C GLU A 37 10.28 -7.51 -3.98
N LEU A 38 9.43 -6.62 -3.47
CA LEU A 38 8.06 -6.51 -3.93
C LEU A 38 7.95 -5.52 -5.09
N LEU A 39 8.04 -4.24 -4.78
CA LEU A 39 7.95 -3.19 -5.79
C LEU A 39 9.23 -2.35 -5.81
N PRO A 40 10.31 -2.94 -6.35
CA PRO A 40 11.61 -2.27 -6.45
C PRO A 40 11.59 -1.14 -7.47
N ASN A 41 10.59 -1.14 -8.35
CA ASN A 41 10.46 -0.11 -9.38
C ASN A 41 9.77 1.12 -8.82
N LYS A 42 8.95 0.94 -7.79
CA LYS A 42 8.22 2.04 -7.17
C LYS A 42 9.14 2.84 -6.25
N GLU A 43 8.57 3.81 -5.56
CA GLU A 43 9.34 4.65 -4.64
C GLU A 43 8.93 4.39 -3.20
N THR A 44 9.92 4.38 -2.30
CA THR A 44 9.66 4.15 -0.89
C THR A 44 8.58 5.09 -0.36
N GLY A 45 8.58 6.32 -0.86
CA GLY A 45 7.60 7.29 -0.42
C GLY A 45 6.18 6.77 -0.53
N GLU A 46 5.85 6.17 -1.67
CA GLU A 46 4.51 5.63 -1.89
C GLU A 46 4.16 4.62 -0.81
N LEU A 47 5.11 3.76 -0.46
CA LEU A 47 4.89 2.74 0.56
C LEU A 47 4.64 3.39 1.92
N ILE A 48 5.56 4.26 2.33
CA ILE A 48 5.44 4.96 3.61
C ILE A 48 4.08 5.61 3.76
N THR A 49 3.75 6.50 2.82
CA THR A 49 2.48 7.20 2.84
C THR A 49 1.30 6.22 2.86
N PHE A 50 1.36 5.23 1.98
CA PHE A 50 0.31 4.21 1.89
C PHE A 50 0.09 3.55 3.24
N TYR A 51 1.17 3.15 3.89
CA TYR A 51 1.10 2.49 5.18
C TYR A 51 0.46 3.41 6.23
N TYR A 52 0.94 4.65 6.28
CA TYR A 52 0.41 5.63 7.22
C TYR A 52 -1.09 5.81 7.05
N TYR A 53 -1.52 5.90 5.79
CA TYR A 53 -2.95 6.06 5.49
C TYR A 53 -3.73 4.79 5.79
N TRP A 54 -3.13 3.65 5.47
CA TRP A 54 -3.77 2.36 5.70
C TRP A 54 -3.90 2.07 7.19
N LYS A 55 -3.00 2.66 7.98
CA LYS A 55 -3.02 2.48 9.43
C LYS A 55 -4.07 3.35 10.08
N LYS A 56 -4.31 4.53 9.50
CA LYS A 56 -5.30 5.46 10.02
C LYS A 56 -5.02 5.79 11.48
N THR A 57 -4.14 6.77 11.70
CA THR A 57 -3.78 7.19 13.05
C THR A 57 -5.01 7.62 13.84
N SER A 58 -6.03 8.09 13.12
CA SER A 58 -7.26 8.55 13.75
C SER A 58 -8.02 7.38 14.36
N GLY A 59 -8.31 6.38 13.54
CA GLY A 59 -9.03 5.21 14.01
C GLY A 59 -10.53 5.43 14.03
N PRO A 60 -11.28 4.40 14.47
CA PRO A 60 -12.74 4.46 14.55
C PRO A 60 -13.22 5.41 15.63
N SER A 61 -14.25 6.19 15.31
CA SER A 61 -14.80 7.16 16.27
C SER A 61 -16.27 6.85 16.54
N SER A 62 -16.84 7.57 17.51
CA SER A 62 -18.24 7.37 17.88
C SER A 62 -19.15 7.48 16.65
N GLY A 63 -20.34 6.91 16.76
CA GLY A 63 -21.29 6.95 15.65
C GLY A 63 -22.72 7.04 16.12
N GLY A 1 -18.94 -5.91 3.79
CA GLY A 1 -19.49 -5.97 2.45
C GLY A 1 -19.36 -4.64 1.71
N SER A 2 -19.23 -4.71 0.39
CA SER A 2 -19.09 -3.52 -0.43
C SER A 2 -20.07 -3.54 -1.59
N SER A 3 -20.25 -2.39 -2.23
CA SER A 3 -21.17 -2.27 -3.36
C SER A 3 -20.93 -0.96 -4.12
N GLY A 4 -21.25 -0.98 -5.42
CA GLY A 4 -21.06 0.20 -6.24
C GLY A 4 -20.76 -0.15 -7.68
N SER A 5 -20.35 0.86 -8.45
CA SER A 5 -20.04 0.66 -9.86
C SER A 5 -18.53 0.66 -10.09
N SER A 6 -17.82 -0.18 -9.34
CA SER A 6 -16.37 -0.26 -9.46
C SER A 6 -15.71 1.06 -9.11
N GLY A 7 -14.40 1.14 -9.32
CA GLY A 7 -13.67 2.36 -9.02
C GLY A 7 -12.56 2.62 -10.01
N ILE A 8 -12.09 3.87 -10.05
CA ILE A 8 -11.02 4.25 -10.97
C ILE A 8 -9.72 3.56 -10.60
N GLU A 9 -9.00 3.08 -11.63
CA GLU A 9 -7.73 2.40 -11.41
C GLU A 9 -6.58 3.16 -12.07
N LYS A 10 -5.51 3.37 -11.32
CA LYS A 10 -4.34 4.08 -11.83
C LYS A 10 -3.13 3.85 -10.93
N CYS A 11 -3.32 4.04 -9.64
CA CYS A 11 -2.24 3.86 -8.67
C CYS A 11 -2.62 2.80 -7.63
N TRP A 12 -1.62 2.03 -7.20
CA TRP A 12 -1.85 0.98 -6.22
C TRP A 12 -2.89 -0.02 -6.71
N THR A 13 -2.50 -0.84 -7.68
CA THR A 13 -3.40 -1.85 -8.23
C THR A 13 -3.56 -3.04 -7.29
N GLU A 14 -4.48 -3.93 -7.62
CA GLU A 14 -4.73 -5.11 -6.80
C GLU A 14 -3.44 -5.87 -6.53
N ASP A 15 -2.60 -5.97 -7.56
CA ASP A 15 -1.32 -6.68 -7.42
C ASP A 15 -0.41 -5.97 -6.42
N GLU A 16 -0.16 -4.69 -6.65
CA GLU A 16 0.69 -3.90 -5.77
C GLU A 16 0.22 -4.01 -4.32
N VAL A 17 -1.06 -3.70 -4.10
CA VAL A 17 -1.63 -3.77 -2.76
C VAL A 17 -1.44 -5.14 -2.14
N LYS A 18 -1.78 -6.18 -2.89
CA LYS A 18 -1.65 -7.56 -2.43
C LYS A 18 -0.23 -7.82 -1.93
N ARG A 19 0.76 -7.46 -2.74
CA ARG A 19 2.16 -7.66 -2.39
C ARG A 19 2.50 -6.90 -1.11
N PHE A 20 2.09 -5.65 -1.04
CA PHE A 20 2.35 -4.81 0.12
C PHE A 20 1.89 -5.50 1.41
N VAL A 21 0.61 -5.87 1.44
CA VAL A 21 0.04 -6.54 2.60
C VAL A 21 0.79 -7.82 2.93
N LYS A 22 1.06 -8.61 1.90
CA LYS A 22 1.78 -9.87 2.07
C LYS A 22 3.15 -9.63 2.71
N GLY A 23 3.85 -8.61 2.23
CA GLY A 23 5.16 -8.29 2.77
C GLY A 23 5.09 -7.72 4.17
N LEU A 24 4.09 -6.87 4.42
CA LEU A 24 3.92 -6.25 5.72
C LEU A 24 3.49 -7.28 6.76
N ARG A 25 2.80 -8.33 6.31
CA ARG A 25 2.34 -9.38 7.20
C ARG A 25 3.40 -10.47 7.36
N GLN A 26 4.16 -10.72 6.29
CA GLN A 26 5.20 -11.72 6.32
C GLN A 26 6.45 -11.20 7.03
N TYR A 27 6.99 -10.10 6.52
CA TYR A 27 8.19 -9.49 7.11
C TYR A 27 7.83 -8.67 8.34
N GLY A 28 7.23 -7.50 8.12
CA GLY A 28 6.86 -6.65 9.22
C GLY A 28 7.20 -5.19 8.96
N LYS A 29 8.23 -4.70 9.62
CA LYS A 29 8.66 -3.31 9.46
C LYS A 29 10.02 -3.24 8.77
N ASN A 30 10.00 -3.19 7.44
CA ASN A 30 11.23 -3.12 6.66
C ASN A 30 10.94 -2.85 5.20
N PHE A 31 10.16 -1.80 4.95
CA PHE A 31 9.80 -1.42 3.58
C PHE A 31 11.05 -1.29 2.71
N PHE A 32 12.16 -0.91 3.33
CA PHE A 32 13.41 -0.75 2.61
C PHE A 32 13.76 -2.00 1.82
N ARG A 33 13.58 -3.16 2.45
CA ARG A 33 13.87 -4.43 1.80
C ARG A 33 12.62 -5.02 1.17
N ILE A 34 11.51 -4.97 1.90
CA ILE A 34 10.24 -5.50 1.41
C ILE A 34 9.92 -4.94 0.03
N ARG A 35 10.20 -3.65 -0.16
CA ARG A 35 9.93 -2.99 -1.43
C ARG A 35 10.92 -3.44 -2.50
N LYS A 36 12.19 -3.59 -2.09
CA LYS A 36 13.24 -4.02 -3.01
C LYS A 36 12.92 -5.38 -3.60
N GLU A 37 12.13 -6.16 -2.89
CA GLU A 37 11.75 -7.50 -3.35
C GLU A 37 10.34 -7.49 -3.95
N LEU A 38 9.50 -6.59 -3.44
CA LEU A 38 8.13 -6.48 -3.93
C LEU A 38 8.04 -5.50 -5.09
N LEU A 39 8.13 -4.22 -4.78
CA LEU A 39 8.06 -3.17 -5.80
C LEU A 39 9.34 -2.35 -5.82
N PRO A 40 10.42 -2.95 -6.36
CA PRO A 40 11.72 -2.29 -6.45
C PRO A 40 11.73 -1.16 -7.48
N ASN A 41 10.72 -1.15 -8.36
CA ASN A 41 10.60 -0.13 -9.39
C ASN A 41 9.92 1.11 -8.84
N LYS A 42 9.09 0.93 -7.81
CA LYS A 42 8.38 2.04 -7.20
C LYS A 42 9.28 2.80 -6.24
N GLU A 43 8.70 3.76 -5.52
CA GLU A 43 9.46 4.57 -4.56
C GLU A 43 8.98 4.30 -3.14
N THR A 44 9.94 4.20 -2.21
CA THR A 44 9.62 3.96 -0.81
C THR A 44 8.57 4.94 -0.29
N GLY A 45 8.62 6.16 -0.81
CA GLY A 45 7.68 7.19 -0.39
C GLY A 45 6.25 6.72 -0.49
N GLU A 46 5.90 6.12 -1.64
CA GLU A 46 4.54 5.63 -1.85
C GLU A 46 4.15 4.61 -0.78
N LEU A 47 5.09 3.73 -0.43
CA LEU A 47 4.84 2.72 0.59
C LEU A 47 4.64 3.35 1.96
N ILE A 48 5.56 4.23 2.34
CA ILE A 48 5.46 4.91 3.63
C ILE A 48 4.12 5.60 3.80
N THR A 49 3.74 6.41 2.81
CA THR A 49 2.48 7.13 2.85
C THR A 49 1.30 6.16 2.89
N PHE A 50 1.33 5.15 2.02
CA PHE A 50 0.26 4.17 1.96
C PHE A 50 0.04 3.52 3.33
N TYR A 51 1.13 3.17 4.00
CA TYR A 51 1.05 2.55 5.31
C TYR A 51 0.53 3.54 6.36
N TYR A 52 1.00 4.78 6.26
CA TYR A 52 0.59 5.83 7.19
C TYR A 52 -0.93 6.03 7.16
N TYR A 53 -1.48 6.03 5.95
CA TYR A 53 -2.92 6.22 5.77
C TYR A 53 -3.67 4.91 6.03
N TRP A 54 -3.06 3.80 5.67
CA TRP A 54 -3.66 2.49 5.86
C TRP A 54 -3.84 2.19 7.34
N LYS A 55 -2.80 2.41 8.12
CA LYS A 55 -2.84 2.16 9.55
C LYS A 55 -3.90 3.03 10.23
N LYS A 56 -3.72 4.35 10.15
CA LYS A 56 -4.66 5.29 10.74
C LYS A 56 -4.73 5.11 12.25
N THR A 57 -3.95 5.91 12.97
CA THR A 57 -3.91 5.84 14.43
C THR A 57 -4.91 6.82 15.05
N SER A 58 -5.96 6.29 15.65
CA SER A 58 -6.99 7.12 16.28
C SER A 58 -6.47 7.72 17.57
N GLY A 59 -6.10 9.00 17.52
CA GLY A 59 -5.59 9.67 18.70
C GLY A 59 -5.22 11.12 18.43
N PRO A 60 -4.92 11.87 19.50
CA PRO A 60 -4.55 13.28 19.39
C PRO A 60 -3.17 13.47 18.76
N SER A 61 -2.88 14.70 18.35
CA SER A 61 -1.59 15.02 17.73
C SER A 61 -0.65 15.66 18.73
N SER A 62 0.53 16.06 18.25
CA SER A 62 1.52 16.69 19.11
C SER A 62 1.96 15.76 20.23
N GLY A 63 2.94 16.19 21.02
CA GLY A 63 3.42 15.38 22.11
C GLY A 63 4.72 15.93 22.71
N GLY A 1 -13.63 25.98 -2.40
CA GLY A 1 -14.50 27.06 -2.87
C GLY A 1 -15.23 26.69 -4.14
N SER A 2 -15.71 25.45 -4.21
CA SER A 2 -16.44 24.98 -5.39
C SER A 2 -15.55 25.04 -6.63
N SER A 3 -16.06 24.50 -7.73
CA SER A 3 -15.32 24.50 -8.99
C SER A 3 -14.00 23.74 -8.84
N GLY A 4 -13.24 23.67 -9.92
CA GLY A 4 -11.97 22.97 -9.88
C GLY A 4 -12.12 21.48 -10.07
N SER A 5 -11.92 21.00 -11.29
CA SER A 5 -12.04 19.58 -11.59
C SER A 5 -10.72 18.86 -11.36
N SER A 6 -10.60 18.21 -10.21
CA SER A 6 -9.37 17.49 -9.87
C SER A 6 -9.58 15.97 -10.02
N GLY A 7 -8.54 15.30 -10.50
CA GLY A 7 -8.62 13.86 -10.69
C GLY A 7 -7.32 13.16 -10.38
N ILE A 8 -7.30 11.84 -10.56
CA ILE A 8 -6.09 11.05 -10.30
C ILE A 8 -5.59 11.27 -8.88
N GLU A 9 -6.14 10.51 -7.94
CA GLU A 9 -5.75 10.62 -6.54
C GLU A 9 -4.95 9.40 -6.10
N LYS A 10 -5.58 8.23 -6.18
CA LYS A 10 -4.93 6.98 -5.80
C LYS A 10 -4.04 6.46 -6.92
N CYS A 11 -2.90 5.89 -6.55
CA CYS A 11 -1.97 5.35 -7.53
C CYS A 11 -1.49 3.96 -7.12
N TRP A 12 -2.40 3.17 -6.58
CA TRP A 12 -2.07 1.82 -6.14
C TRP A 12 -3.09 0.81 -6.68
N THR A 13 -2.59 -0.25 -7.30
CA THR A 13 -3.45 -1.29 -7.86
C THR A 13 -3.64 -2.44 -6.88
N GLU A 14 -4.51 -3.38 -7.24
CA GLU A 14 -4.78 -4.53 -6.39
C GLU A 14 -3.53 -5.37 -6.18
N ASP A 15 -2.75 -5.51 -7.25
CA ASP A 15 -1.52 -6.30 -7.19
C ASP A 15 -0.55 -5.71 -6.18
N GLU A 16 -0.21 -4.44 -6.37
CA GLU A 16 0.71 -3.75 -5.46
C GLU A 16 0.26 -3.89 -4.01
N VAL A 17 -0.99 -3.50 -3.75
CA VAL A 17 -1.54 -3.58 -2.41
C VAL A 17 -1.40 -4.99 -1.83
N LYS A 18 -1.80 -5.98 -2.61
CA LYS A 18 -1.71 -7.37 -2.18
C LYS A 18 -0.28 -7.72 -1.74
N ARG A 19 0.68 -7.43 -2.59
CA ARG A 19 2.08 -7.70 -2.29
C ARG A 19 2.52 -6.97 -1.01
N PHE A 20 2.13 -5.71 -0.91
CA PHE A 20 2.48 -4.90 0.26
C PHE A 20 2.04 -5.59 1.55
N VAL A 21 0.74 -5.91 1.64
CA VAL A 21 0.20 -6.57 2.82
C VAL A 21 0.92 -7.88 3.09
N LYS A 22 1.10 -8.69 2.05
CA LYS A 22 1.78 -9.97 2.19
C LYS A 22 3.19 -9.79 2.75
N GLY A 23 3.92 -8.84 2.19
CA GLY A 23 5.28 -8.58 2.66
C GLY A 23 5.30 -8.00 4.06
N LEU A 24 4.30 -7.19 4.38
CA LEU A 24 4.22 -6.57 5.70
C LEU A 24 3.99 -7.62 6.79
N ARG A 25 3.11 -8.56 6.51
CA ARG A 25 2.81 -9.63 7.46
C ARG A 25 3.87 -10.71 7.42
N GLN A 26 4.53 -10.86 6.27
CA GLN A 26 5.57 -11.86 6.10
C GLN A 26 6.87 -11.41 6.77
N TYR A 27 7.37 -10.27 6.35
CA TYR A 27 8.61 -9.72 6.91
C TYR A 27 8.33 -8.88 8.14
N GLY A 28 7.78 -7.69 7.92
CA GLY A 28 7.47 -6.80 9.04
C GLY A 28 7.59 -5.34 8.65
N LYS A 29 8.32 -4.57 9.46
CA LYS A 29 8.50 -3.15 9.20
C LYS A 29 9.84 -2.89 8.52
N ASN A 30 10.07 -3.57 7.41
CA ASN A 30 11.31 -3.42 6.65
C ASN A 30 11.02 -3.10 5.19
N PHE A 31 10.24 -2.06 4.95
CA PHE A 31 9.89 -1.65 3.59
C PHE A 31 11.14 -1.51 2.73
N PHE A 32 12.25 -1.13 3.37
CA PHE A 32 13.50 -0.95 2.66
C PHE A 32 13.85 -2.18 1.82
N ARG A 33 13.63 -3.36 2.40
CA ARG A 33 13.92 -4.60 1.71
C ARG A 33 12.66 -5.17 1.06
N ILE A 34 11.56 -5.14 1.81
CA ILE A 34 10.28 -5.65 1.32
C ILE A 34 9.94 -5.04 -0.04
N ARG A 35 10.21 -3.75 -0.20
CA ARG A 35 9.93 -3.06 -1.44
C ARG A 35 10.92 -3.47 -2.53
N LYS A 36 12.17 -3.63 -2.14
CA LYS A 36 13.22 -4.04 -3.09
C LYS A 36 12.90 -5.38 -3.71
N GLU A 37 12.11 -6.19 -3.01
CA GLU A 37 11.74 -7.51 -3.50
C GLU A 37 10.32 -7.49 -4.08
N LEU A 38 9.48 -6.61 -3.55
CA LEU A 38 8.11 -6.49 -4.01
C LEU A 38 8.00 -5.47 -5.14
N LEU A 39 8.09 -4.19 -4.80
CA LEU A 39 8.01 -3.12 -5.79
C LEU A 39 9.30 -2.30 -5.81
N PRO A 40 10.36 -2.88 -6.37
CA PRO A 40 11.67 -2.22 -6.47
C PRO A 40 11.66 -1.07 -7.46
N ASN A 41 10.64 -1.04 -8.32
CA ASN A 41 10.51 0.01 -9.33
C ASN A 41 9.84 1.23 -8.74
N LYS A 42 9.02 1.02 -7.72
CA LYS A 42 8.31 2.12 -7.06
C LYS A 42 9.23 2.87 -6.11
N GLU A 43 8.66 3.85 -5.39
CA GLU A 43 9.44 4.65 -4.45
C GLU A 43 8.99 4.38 -3.02
N THR A 44 9.95 4.31 -2.11
CA THR A 44 9.66 4.06 -0.70
C THR A 44 8.60 5.02 -0.18
N GLY A 45 8.63 6.25 -0.68
CA GLY A 45 7.66 7.25 -0.25
C GLY A 45 6.23 6.77 -0.39
N GLU A 46 5.93 6.13 -1.51
CA GLU A 46 4.59 5.62 -1.77
C GLU A 46 4.19 4.58 -0.72
N LEU A 47 5.13 3.71 -0.37
CA LEU A 47 4.89 2.68 0.62
C LEU A 47 4.61 3.28 1.99
N ILE A 48 5.46 4.22 2.40
CA ILE A 48 5.30 4.88 3.69
C ILE A 48 3.97 5.60 3.78
N THR A 49 3.71 6.49 2.81
CA THR A 49 2.47 7.25 2.78
C THR A 49 1.26 6.33 2.76
N PHE A 50 1.30 5.32 1.89
CA PHE A 50 0.21 4.37 1.78
C PHE A 50 -0.02 3.63 3.10
N TYR A 51 1.07 3.30 3.78
CA TYR A 51 1.00 2.60 5.06
C TYR A 51 0.34 3.48 6.12
N TYR A 52 0.72 4.75 6.14
CA TYR A 52 0.18 5.69 7.12
C TYR A 52 -1.33 5.88 6.91
N TYR A 53 -1.72 6.09 5.66
CA TYR A 53 -3.12 6.29 5.32
C TYR A 53 -3.92 5.00 5.50
N TRP A 54 -3.27 3.88 5.19
CA TRP A 54 -3.92 2.58 5.32
C TRP A 54 -4.16 2.22 6.78
N LYS A 55 -3.22 2.60 7.63
CA LYS A 55 -3.32 2.33 9.06
C LYS A 55 -4.47 3.11 9.69
N LYS A 56 -4.76 4.28 9.11
CA LYS A 56 -5.84 5.12 9.60
C LYS A 56 -7.21 4.53 9.24
N THR A 57 -7.49 4.48 7.94
CA THR A 57 -8.77 3.94 7.47
C THR A 57 -8.83 2.44 7.66
N SER A 58 -10.00 1.86 7.40
CA SER A 58 -10.19 0.41 7.55
C SER A 58 -11.51 -0.02 6.90
N GLY A 59 -11.51 -1.23 6.35
CA GLY A 59 -12.70 -1.75 5.71
C GLY A 59 -13.04 -3.16 6.17
N PRO A 60 -13.98 -3.81 5.46
CA PRO A 60 -14.40 -5.17 5.77
C PRO A 60 -13.32 -6.21 5.48
N SER A 61 -13.68 -7.48 5.57
CA SER A 61 -12.74 -8.56 5.32
C SER A 61 -12.82 -9.02 3.86
N SER A 62 -11.73 -9.58 3.36
CA SER A 62 -11.67 -10.07 1.99
C SER A 62 -10.47 -10.98 1.78
N GLY A 63 -10.53 -12.17 2.37
CA GLY A 63 -9.43 -13.11 2.25
C GLY A 63 -9.85 -14.53 2.59
N GLY A 1 -19.11 5.49 -25.78
CA GLY A 1 -18.88 5.91 -24.42
C GLY A 1 -17.98 7.14 -24.33
N SER A 2 -17.56 7.47 -23.12
CA SER A 2 -16.70 8.62 -22.91
C SER A 2 -15.76 8.38 -21.72
N SER A 3 -15.09 7.24 -21.73
CA SER A 3 -14.17 6.89 -20.66
C SER A 3 -14.89 6.76 -19.32
N GLY A 4 -14.21 6.21 -18.33
CA GLY A 4 -14.81 6.04 -17.01
C GLY A 4 -15.35 4.65 -16.80
N SER A 5 -16.18 4.49 -15.78
CA SER A 5 -16.77 3.20 -15.45
C SER A 5 -15.67 2.15 -15.25
N SER A 6 -14.69 2.49 -14.42
CA SER A 6 -13.58 1.58 -14.13
C SER A 6 -12.87 1.99 -12.84
N GLY A 7 -13.13 1.24 -11.77
CA GLY A 7 -12.51 1.53 -10.50
C GLY A 7 -11.45 0.52 -10.12
N ILE A 8 -10.44 0.37 -10.99
CA ILE A 8 -9.37 -0.57 -10.75
C ILE A 8 -8.05 0.16 -10.52
N GLU A 9 -7.60 0.90 -11.52
CA GLU A 9 -6.35 1.64 -11.42
C GLU A 9 -6.62 3.10 -11.08
N LYS A 10 -6.04 3.56 -9.96
CA LYS A 10 -6.22 4.94 -9.52
C LYS A 10 -4.97 5.44 -8.81
N CYS A 11 -4.52 4.70 -7.81
CA CYS A 11 -3.34 5.08 -7.05
C CYS A 11 -2.48 3.85 -6.73
N TRP A 12 -3.15 2.77 -6.33
CA TRP A 12 -2.45 1.52 -5.99
C TRP A 12 -3.10 0.32 -6.69
N THR A 13 -2.34 -0.33 -7.56
CA THR A 13 -2.84 -1.49 -8.28
C THR A 13 -3.10 -2.65 -7.34
N GLU A 14 -4.00 -3.54 -7.76
CA GLU A 14 -4.34 -4.71 -6.96
C GLU A 14 -3.10 -5.47 -6.53
N ASP A 15 -2.25 -5.81 -7.49
CA ASP A 15 -1.02 -6.53 -7.22
C ASP A 15 -0.20 -5.83 -6.14
N GLU A 16 0.00 -4.52 -6.33
CA GLU A 16 0.76 -3.72 -5.37
C GLU A 16 0.17 -3.83 -3.97
N VAL A 17 -1.15 -3.89 -3.90
CA VAL A 17 -1.84 -4.00 -2.62
C VAL A 17 -1.59 -5.34 -1.96
N LYS A 18 -2.00 -6.41 -2.63
CA LYS A 18 -1.82 -7.76 -2.11
C LYS A 18 -0.36 -8.00 -1.73
N ARG A 19 0.56 -7.42 -2.50
CA ARG A 19 1.98 -7.57 -2.23
C ARG A 19 2.37 -6.84 -0.94
N PHE A 20 2.04 -5.56 -0.88
CA PHE A 20 2.35 -4.75 0.29
C PHE A 20 1.86 -5.43 1.57
N VAL A 21 0.64 -5.93 1.55
CA VAL A 21 0.06 -6.60 2.70
C VAL A 21 0.80 -7.89 3.01
N LYS A 22 0.99 -8.73 2.00
CA LYS A 22 1.69 -10.00 2.17
C LYS A 22 3.07 -9.78 2.77
N GLY A 23 3.81 -8.81 2.22
CA GLY A 23 5.14 -8.52 2.73
C GLY A 23 5.11 -7.91 4.12
N LEU A 24 4.09 -7.10 4.38
CA LEU A 24 3.96 -6.44 5.68
C LEU A 24 3.70 -7.47 6.78
N ARG A 25 2.93 -8.51 6.44
CA ARG A 25 2.61 -9.56 7.41
C ARG A 25 3.69 -10.63 7.42
N GLN A 26 4.38 -10.78 6.29
CA GLN A 26 5.43 -11.78 6.17
C GLN A 26 6.72 -11.30 6.84
N TYR A 27 7.21 -10.14 6.41
CA TYR A 27 8.43 -9.58 6.98
C TYR A 27 8.12 -8.71 8.19
N GLY A 28 7.57 -7.52 7.93
CA GLY A 28 7.24 -6.61 9.02
C GLY A 28 7.56 -5.17 8.68
N LYS A 29 8.23 -4.48 9.61
CA LYS A 29 8.61 -3.09 9.40
C LYS A 29 9.96 -2.99 8.71
N ASN A 30 10.00 -3.42 7.45
CA ASN A 30 11.23 -3.37 6.67
C ASN A 30 10.94 -3.06 5.21
N PHE A 31 10.16 -2.02 4.97
CA PHE A 31 9.80 -1.62 3.61
C PHE A 31 11.04 -1.47 2.74
N PHE A 32 12.15 -1.11 3.36
CA PHE A 32 13.41 -0.93 2.64
C PHE A 32 13.74 -2.17 1.81
N ARG A 33 13.54 -3.34 2.40
CA ARG A 33 13.82 -4.60 1.72
C ARG A 33 12.55 -5.17 1.08
N ILE A 34 11.45 -5.12 1.83
CA ILE A 34 10.18 -5.62 1.33
C ILE A 34 9.83 -5.02 -0.02
N ARG A 35 10.11 -3.73 -0.18
CA ARG A 35 9.83 -3.04 -1.44
C ARG A 35 10.82 -3.46 -2.52
N LYS A 36 12.09 -3.60 -2.14
CA LYS A 36 13.13 -4.01 -3.07
C LYS A 36 12.82 -5.37 -3.69
N GLU A 37 12.03 -6.16 -2.97
CA GLU A 37 11.66 -7.49 -3.45
C GLU A 37 10.25 -7.49 -4.04
N LEU A 38 9.40 -6.62 -3.51
CA LEU A 38 8.03 -6.51 -3.98
C LEU A 38 7.92 -5.50 -5.11
N LEU A 39 7.99 -4.22 -4.77
CA LEU A 39 7.90 -3.16 -5.77
C LEU A 39 9.19 -2.33 -5.80
N PRO A 40 10.26 -2.91 -6.35
CA PRO A 40 11.56 -2.24 -6.45
C PRO A 40 11.54 -1.08 -7.45
N ASN A 41 10.52 -1.07 -8.30
CA ASN A 41 10.39 -0.02 -9.31
C ASN A 41 9.69 1.21 -8.72
N LYS A 42 8.87 0.99 -7.71
CA LYS A 42 8.14 2.07 -7.05
C LYS A 42 9.06 2.88 -6.15
N GLU A 43 8.51 3.90 -5.50
CA GLU A 43 9.28 4.74 -4.60
C GLU A 43 8.87 4.52 -3.15
N THR A 44 9.85 4.48 -2.26
CA THR A 44 9.59 4.27 -0.84
C THR A 44 8.53 5.24 -0.32
N GLY A 45 8.53 6.45 -0.88
CA GLY A 45 7.57 7.45 -0.46
C GLY A 45 6.14 6.94 -0.52
N GLU A 46 5.81 6.24 -1.60
CA GLU A 46 4.47 5.70 -1.79
C GLU A 46 4.13 4.68 -0.69
N LEU A 47 5.09 3.81 -0.39
CA LEU A 47 4.90 2.79 0.63
C LEU A 47 4.67 3.43 1.99
N ILE A 48 5.53 4.38 2.34
CA ILE A 48 5.43 5.07 3.63
C ILE A 48 4.08 5.75 3.78
N THR A 49 3.76 6.62 2.82
CA THR A 49 2.48 7.34 2.85
C THR A 49 1.31 6.39 2.86
N PHE A 50 1.32 5.43 1.93
CA PHE A 50 0.25 4.45 1.83
C PHE A 50 0.10 3.67 3.13
N TYR A 51 1.23 3.36 3.77
CA TYR A 51 1.21 2.62 5.03
C TYR A 51 0.55 3.44 6.13
N TYR A 52 1.02 4.67 6.32
CA TYR A 52 0.48 5.56 7.34
C TYR A 52 -1.03 5.75 7.16
N TYR A 53 -1.43 5.94 5.91
CA TYR A 53 -2.84 6.14 5.59
C TYR A 53 -3.64 4.86 5.80
N TRP A 54 -3.07 3.74 5.36
CA TRP A 54 -3.72 2.44 5.50
C TRP A 54 -3.86 2.07 6.97
N LYS A 55 -2.92 2.51 7.78
CA LYS A 55 -2.93 2.21 9.22
C LYS A 55 -4.15 2.84 9.88
N LYS A 56 -4.58 3.98 9.36
CA LYS A 56 -5.73 4.69 9.92
C LYS A 56 -6.65 5.20 8.80
N THR A 57 -7.50 4.30 8.29
CA THR A 57 -8.42 4.66 7.23
C THR A 57 -9.84 4.83 7.75
N SER A 58 -9.95 5.30 8.99
CA SER A 58 -11.26 5.50 9.62
C SER A 58 -11.43 6.96 10.03
N GLY A 59 -12.53 7.57 9.55
CA GLY A 59 -12.80 8.96 9.87
C GLY A 59 -14.05 9.47 9.19
N PRO A 60 -14.40 10.73 9.47
CA PRO A 60 -15.58 11.38 8.89
C PRO A 60 -15.43 11.65 7.40
N SER A 61 -16.14 10.87 6.58
CA SER A 61 -16.07 11.03 5.13
C SER A 61 -17.27 11.81 4.61
N SER A 62 -17.09 13.13 4.46
CA SER A 62 -18.16 13.99 3.97
C SER A 62 -17.74 14.71 2.69
N GLY A 63 -18.07 14.10 1.55
CA GLY A 63 -17.73 14.70 0.27
C GLY A 63 -18.64 14.24 -0.85
N GLY A 1 -25.63 3.47 -9.80
CA GLY A 1 -25.59 4.68 -10.61
C GLY A 1 -24.49 4.65 -11.65
N SER A 2 -24.27 3.47 -12.23
CA SER A 2 -23.24 3.30 -13.25
C SER A 2 -23.83 2.80 -14.55
N SER A 3 -23.25 3.23 -15.67
CA SER A 3 -23.74 2.83 -16.99
C SER A 3 -22.63 2.14 -17.78
N GLY A 4 -21.95 1.19 -17.14
CA GLY A 4 -20.89 0.47 -17.81
C GLY A 4 -19.68 0.26 -16.91
N SER A 5 -18.51 0.04 -17.52
CA SER A 5 -17.28 -0.18 -16.77
C SER A 5 -16.24 0.88 -17.10
N SER A 6 -15.53 1.35 -16.08
CA SER A 6 -14.51 2.38 -16.28
C SER A 6 -13.32 2.14 -15.34
N GLY A 7 -13.62 2.01 -14.05
CA GLY A 7 -12.57 1.78 -13.07
C GLY A 7 -12.32 2.98 -12.19
N ILE A 8 -11.69 2.76 -11.04
CA ILE A 8 -11.40 3.84 -10.11
C ILE A 8 -9.94 3.79 -9.67
N GLU A 9 -9.09 3.21 -10.49
CA GLU A 9 -7.67 3.10 -10.19
C GLU A 9 -7.02 4.49 -10.13
N LYS A 10 -5.87 4.57 -9.48
CA LYS A 10 -5.15 5.83 -9.34
C LYS A 10 -3.64 5.60 -9.42
N CYS A 11 -3.15 4.63 -8.66
CA CYS A 11 -1.73 4.32 -8.66
C CYS A 11 -1.49 2.94 -8.04
N TRP A 12 -2.12 2.68 -6.91
CA TRP A 12 -1.96 1.40 -6.22
C TRP A 12 -3.01 0.41 -6.69
N THR A 13 -2.58 -0.58 -7.47
CA THR A 13 -3.48 -1.60 -7.99
C THR A 13 -3.60 -2.78 -7.02
N GLU A 14 -4.53 -3.68 -7.30
CA GLU A 14 -4.74 -4.85 -6.46
C GLU A 14 -3.44 -5.61 -6.24
N ASP A 15 -2.66 -5.76 -7.31
CA ASP A 15 -1.39 -6.47 -7.24
C ASP A 15 -0.45 -5.80 -6.25
N GLU A 16 -0.15 -4.53 -6.48
CA GLU A 16 0.73 -3.78 -5.60
C GLU A 16 0.27 -3.89 -4.14
N VAL A 17 -0.95 -3.44 -3.88
CA VAL A 17 -1.51 -3.48 -2.54
C VAL A 17 -1.38 -4.88 -1.93
N LYS A 18 -1.80 -5.90 -2.70
CA LYS A 18 -1.73 -7.27 -2.24
C LYS A 18 -0.32 -7.62 -1.76
N ARG A 19 0.67 -7.35 -2.62
CA ARG A 19 2.07 -7.63 -2.29
C ARG A 19 2.48 -6.91 -1.01
N PHE A 20 2.16 -5.63 -0.93
CA PHE A 20 2.50 -4.83 0.23
C PHE A 20 2.02 -5.50 1.51
N VAL A 21 0.73 -5.82 1.55
CA VAL A 21 0.15 -6.47 2.72
C VAL A 21 0.84 -7.78 3.02
N LYS A 22 1.09 -8.58 1.99
CA LYS A 22 1.75 -9.87 2.15
C LYS A 22 3.12 -9.69 2.80
N GLY A 23 3.97 -8.88 2.18
CA GLY A 23 5.30 -8.65 2.72
C GLY A 23 5.26 -8.02 4.10
N LEU A 24 4.25 -7.20 4.35
CA LEU A 24 4.11 -6.55 5.65
C LEU A 24 3.81 -7.56 6.75
N ARG A 25 2.94 -8.52 6.43
CA ARG A 25 2.58 -9.56 7.40
C ARG A 25 3.65 -10.64 7.46
N GLN A 26 4.36 -10.82 6.36
CA GLN A 26 5.41 -11.84 6.30
C GLN A 26 6.68 -11.35 7.00
N TYR A 27 7.21 -10.23 6.55
CA TYR A 27 8.42 -9.66 7.13
C TYR A 27 8.09 -8.85 8.37
N GLY A 28 7.49 -7.67 8.16
CA GLY A 28 7.14 -6.81 9.28
C GLY A 28 7.44 -5.35 8.99
N LYS A 29 8.46 -4.82 9.66
CA LYS A 29 8.86 -3.43 9.49
C LYS A 29 10.21 -3.33 8.80
N ASN A 30 10.21 -3.44 7.47
CA ASN A 30 11.44 -3.36 6.70
C ASN A 30 11.15 -3.08 5.23
N PHE A 31 10.40 -2.01 4.98
CA PHE A 31 10.04 -1.63 3.61
C PHE A 31 11.28 -1.52 2.74
N PHE A 32 12.41 -1.17 3.35
CA PHE A 32 13.66 -1.04 2.64
C PHE A 32 13.96 -2.28 1.80
N ARG A 33 13.72 -3.44 2.38
CA ARG A 33 13.96 -4.71 1.70
C ARG A 33 12.66 -5.25 1.08
N ILE A 34 11.58 -5.17 1.84
CA ILE A 34 10.28 -5.65 1.37
C ILE A 34 9.94 -5.04 0.01
N ARG A 35 10.25 -3.77 -0.16
CA ARG A 35 9.98 -3.06 -1.41
C ARG A 35 10.94 -3.52 -2.51
N LYS A 36 12.20 -3.71 -2.15
CA LYS A 36 13.21 -4.14 -3.09
C LYS A 36 12.84 -5.50 -3.70
N GLU A 37 12.05 -6.27 -2.97
CA GLU A 37 11.62 -7.58 -3.44
C GLU A 37 10.20 -7.53 -4.01
N LEU A 38 9.39 -6.64 -3.47
CA LEU A 38 8.01 -6.48 -3.91
C LEU A 38 7.92 -5.48 -5.06
N LEU A 39 8.05 -4.20 -4.73
CA LEU A 39 7.98 -3.14 -5.73
C LEU A 39 9.27 -2.33 -5.75
N PRO A 40 10.34 -2.93 -6.30
CA PRO A 40 11.65 -2.29 -6.39
C PRO A 40 11.66 -1.14 -7.40
N ASN A 41 10.65 -1.11 -8.27
CA ASN A 41 10.55 -0.07 -9.28
C ASN A 41 9.84 1.16 -8.73
N LYS A 42 8.97 0.95 -7.74
CA LYS A 42 8.24 2.03 -7.12
C LYS A 42 9.14 2.85 -6.20
N GLU A 43 8.55 3.80 -5.49
CA GLU A 43 9.31 4.65 -4.57
C GLU A 43 8.91 4.38 -3.13
N THR A 44 9.84 4.61 -2.21
CA THR A 44 9.59 4.38 -0.79
C THR A 44 8.49 5.30 -0.28
N GLY A 45 8.46 6.53 -0.79
CA GLY A 45 7.45 7.48 -0.36
C GLY A 45 6.04 6.92 -0.47
N GLU A 46 5.77 6.24 -1.57
CA GLU A 46 4.45 5.66 -1.79
C GLU A 46 4.12 4.62 -0.73
N LEU A 47 5.09 3.78 -0.40
CA LEU A 47 4.92 2.74 0.61
C LEU A 47 4.62 3.36 1.97
N ILE A 48 5.50 4.25 2.42
CA ILE A 48 5.34 4.92 3.70
C ILE A 48 3.99 5.62 3.79
N THR A 49 3.73 6.50 2.83
CA THR A 49 2.48 7.24 2.80
C THR A 49 1.27 6.30 2.81
N PHE A 50 1.30 5.30 1.93
CA PHE A 50 0.22 4.34 1.83
C PHE A 50 0.04 3.59 3.16
N TYR A 51 1.15 3.32 3.84
CA TYR A 51 1.10 2.62 5.11
C TYR A 51 0.39 3.46 6.17
N TYR A 52 0.81 4.71 6.31
CA TYR A 52 0.21 5.61 7.29
C TYR A 52 -1.27 5.79 7.02
N TYR A 53 -1.62 5.96 5.75
CA TYR A 53 -3.01 6.16 5.35
C TYR A 53 -3.82 4.87 5.57
N TRP A 54 -3.20 3.74 5.27
CA TRP A 54 -3.86 2.45 5.43
C TRP A 54 -4.07 2.13 6.91
N LYS A 55 -3.11 2.50 7.73
CA LYS A 55 -3.19 2.25 9.17
C LYS A 55 -4.13 3.26 9.84
N LYS A 56 -4.01 4.52 9.46
CA LYS A 56 -4.85 5.57 10.02
C LYS A 56 -5.99 5.93 9.07
N THR A 57 -7.09 5.18 9.16
CA THR A 57 -8.25 5.41 8.31
C THR A 57 -9.52 5.51 9.14
N SER A 58 -9.38 5.92 10.40
CA SER A 58 -10.52 6.05 11.29
C SER A 58 -11.34 4.76 11.33
N GLY A 59 -10.65 3.63 11.18
CA GLY A 59 -11.33 2.35 11.20
C GLY A 59 -11.03 1.56 12.46
N PRO A 60 -11.43 0.29 12.47
CA PRO A 60 -11.23 -0.60 13.62
C PRO A 60 -9.75 -0.97 13.80
N SER A 61 -9.40 -1.37 15.02
CA SER A 61 -8.03 -1.75 15.33
C SER A 61 -7.84 -3.26 15.27
N SER A 62 -6.66 -3.73 15.63
CA SER A 62 -6.36 -5.16 15.62
C SER A 62 -6.00 -5.65 17.02
N GLY A 63 -6.27 -6.92 17.28
CA GLY A 63 -5.96 -7.48 18.58
C GLY A 63 -6.71 -6.79 19.71
N GLY A 1 -18.08 -0.95 -10.75
CA GLY A 1 -18.33 -1.77 -9.57
C GLY A 1 -17.48 -3.03 -9.55
N SER A 2 -16.62 -3.13 -8.54
CA SER A 2 -15.74 -4.29 -8.41
C SER A 2 -16.34 -5.33 -7.47
N SER A 3 -15.66 -6.47 -7.34
CA SER A 3 -16.14 -7.55 -6.48
C SER A 3 -14.96 -8.34 -5.91
N GLY A 4 -13.99 -7.63 -5.35
CA GLY A 4 -12.83 -8.29 -4.78
C GLY A 4 -12.09 -7.39 -3.80
N SER A 5 -11.91 -6.13 -4.18
CA SER A 5 -11.21 -5.17 -3.32
C SER A 5 -12.18 -4.19 -2.70
N SER A 6 -11.65 -3.28 -1.88
CA SER A 6 -12.47 -2.28 -1.22
C SER A 6 -12.50 -0.98 -2.02
N GLY A 7 -11.44 -0.73 -2.79
CA GLY A 7 -11.37 0.47 -3.60
C GLY A 7 -10.65 0.23 -4.91
N ILE A 8 -10.86 1.15 -5.86
CA ILE A 8 -10.23 1.03 -7.18
C ILE A 8 -9.32 2.22 -7.45
N GLU A 9 -8.19 2.28 -6.74
CA GLU A 9 -7.23 3.36 -6.92
C GLU A 9 -6.66 3.35 -8.32
N LYS A 10 -5.91 4.41 -8.65
CA LYS A 10 -5.30 4.53 -9.97
C LYS A 10 -3.82 4.16 -9.91
N CYS A 11 -3.14 4.65 -8.89
CA CYS A 11 -1.71 4.37 -8.72
C CYS A 11 -1.49 3.01 -8.05
N TRP A 12 -2.12 2.82 -6.90
CA TRP A 12 -2.00 1.57 -6.17
C TRP A 12 -3.04 0.56 -6.62
N THR A 13 -2.62 -0.41 -7.43
CA THR A 13 -3.53 -1.43 -7.94
C THR A 13 -3.65 -2.59 -6.96
N GLU A 14 -4.52 -3.54 -7.27
CA GLU A 14 -4.73 -4.70 -6.42
C GLU A 14 -3.43 -5.48 -6.23
N ASP A 15 -2.70 -5.66 -7.31
CA ASP A 15 -1.44 -6.38 -7.28
C ASP A 15 -0.50 -5.77 -6.25
N GLU A 16 -0.18 -4.49 -6.43
CA GLU A 16 0.71 -3.78 -5.52
C GLU A 16 0.23 -3.91 -4.08
N VAL A 17 -1.01 -3.52 -3.83
CA VAL A 17 -1.60 -3.61 -2.50
C VAL A 17 -1.43 -5.00 -1.91
N LYS A 18 -1.83 -6.01 -2.67
CA LYS A 18 -1.73 -7.40 -2.22
C LYS A 18 -0.30 -7.71 -1.77
N ARG A 19 0.67 -7.37 -2.60
CA ARG A 19 2.07 -7.61 -2.30
C ARG A 19 2.48 -6.90 -1.01
N PHE A 20 2.10 -5.63 -0.90
CA PHE A 20 2.43 -4.84 0.28
C PHE A 20 1.96 -5.53 1.55
N VAL A 21 0.69 -5.90 1.59
CA VAL A 21 0.12 -6.58 2.75
C VAL A 21 0.84 -7.89 3.02
N LYS A 22 1.12 -8.64 1.97
CA LYS A 22 1.80 -9.93 2.09
C LYS A 22 3.16 -9.75 2.75
N GLY A 23 4.01 -8.92 2.15
CA GLY A 23 5.33 -8.69 2.69
C GLY A 23 5.28 -8.08 4.07
N LEU A 24 4.26 -7.27 4.33
CA LEU A 24 4.11 -6.63 5.63
C LEU A 24 3.69 -7.63 6.70
N ARG A 25 2.93 -8.65 6.28
CA ARG A 25 2.47 -9.68 7.20
C ARG A 25 3.52 -10.77 7.37
N GLN A 26 4.37 -10.93 6.36
CA GLN A 26 5.42 -11.93 6.39
C GLN A 26 6.68 -11.39 7.06
N TYR A 27 7.21 -10.31 6.51
CA TYR A 27 8.42 -9.69 7.06
C TYR A 27 8.08 -8.83 8.27
N GLY A 28 7.48 -7.67 8.02
CA GLY A 28 7.12 -6.76 9.10
C GLY A 28 7.47 -5.32 8.79
N LYS A 29 8.29 -4.72 9.65
CA LYS A 29 8.71 -3.34 9.47
C LYS A 29 10.07 -3.26 8.79
N ASN A 30 10.07 -3.33 7.47
CA ASN A 30 11.31 -3.27 6.70
C ASN A 30 11.02 -2.98 5.23
N PHE A 31 10.23 -1.94 4.98
CA PHE A 31 9.89 -1.55 3.61
C PHE A 31 11.14 -1.41 2.75
N PHE A 32 12.25 -1.04 3.37
CA PHE A 32 13.52 -0.87 2.66
C PHE A 32 13.84 -2.11 1.84
N ARG A 33 13.62 -3.28 2.43
CA ARG A 33 13.91 -4.54 1.76
C ARG A 33 12.64 -5.11 1.13
N ILE A 34 11.55 -5.06 1.87
CA ILE A 34 10.27 -5.57 1.38
C ILE A 34 9.93 -4.99 0.02
N ARG A 35 10.18 -3.70 -0.14
CA ARG A 35 9.91 -3.02 -1.41
C ARG A 35 10.89 -3.46 -2.49
N LYS A 36 12.16 -3.63 -2.10
CA LYS A 36 13.19 -4.05 -3.03
C LYS A 36 12.85 -5.40 -3.65
N GLU A 37 12.06 -6.19 -2.94
CA GLU A 37 11.67 -7.51 -3.42
C GLU A 37 10.26 -7.49 -4.00
N LEU A 38 9.43 -6.59 -3.46
CA LEU A 38 8.05 -6.45 -3.92
C LEU A 38 7.95 -5.45 -5.07
N LEU A 39 8.06 -4.18 -4.75
CA LEU A 39 7.99 -3.12 -5.75
C LEU A 39 9.27 -2.30 -5.78
N PRO A 40 10.35 -2.90 -6.33
CA PRO A 40 11.66 -2.25 -6.43
C PRO A 40 11.65 -1.10 -7.45
N ASN A 41 10.64 -1.09 -8.31
CA ASN A 41 10.52 -0.05 -9.33
C ASN A 41 9.85 1.20 -8.75
N LYS A 42 9.03 1.01 -7.72
CA LYS A 42 8.33 2.12 -7.09
C LYS A 42 9.26 2.89 -6.16
N GLU A 43 8.70 3.86 -5.44
CA GLU A 43 9.48 4.67 -4.51
C GLU A 43 9.04 4.44 -3.07
N THR A 44 10.01 4.40 -2.16
CA THR A 44 9.71 4.18 -0.75
C THR A 44 8.65 5.15 -0.25
N GLY A 45 8.69 6.38 -0.76
CA GLY A 45 7.72 7.38 -0.36
C GLY A 45 6.29 6.89 -0.48
N GLU A 46 5.98 6.26 -1.61
CA GLU A 46 4.64 5.75 -1.85
C GLU A 46 4.26 4.71 -0.79
N LEU A 47 5.20 3.83 -0.46
CA LEU A 47 4.96 2.79 0.53
C LEU A 47 4.64 3.41 1.90
N ILE A 48 5.51 4.31 2.34
CA ILE A 48 5.33 4.97 3.63
C ILE A 48 3.98 5.67 3.70
N THR A 49 3.67 6.48 2.69
CA THR A 49 2.41 7.20 2.64
C THR A 49 1.22 6.24 2.69
N PHE A 50 1.26 5.23 1.83
CA PHE A 50 0.19 4.24 1.78
C PHE A 50 0.00 3.56 3.13
N TYR A 51 1.12 3.21 3.77
CA TYR A 51 1.09 2.55 5.06
C TYR A 51 0.44 3.44 6.11
N TYR A 52 0.79 4.73 6.09
CA TYR A 52 0.24 5.69 7.03
C TYR A 52 -1.27 5.82 6.88
N TYR A 53 -1.71 6.03 5.64
CA TYR A 53 -3.13 6.17 5.35
C TYR A 53 -3.87 4.87 5.63
N TRP A 54 -3.19 3.74 5.44
CA TRP A 54 -3.79 2.43 5.67
C TRP A 54 -4.00 2.19 7.16
N LYS A 55 -2.97 2.48 7.95
CA LYS A 55 -3.04 2.30 9.40
C LYS A 55 -4.00 3.29 10.04
N LYS A 56 -3.83 4.57 9.69
CA LYS A 56 -4.68 5.63 10.23
C LYS A 56 -5.97 5.74 9.43
N THR A 57 -6.94 4.88 9.76
CA THR A 57 -8.22 4.89 9.06
C THR A 57 -9.38 5.09 10.04
N SER A 58 -9.13 5.90 11.07
CA SER A 58 -10.15 6.18 12.08
C SER A 58 -10.79 7.53 11.84
N GLY A 59 -12.13 7.56 11.85
CA GLY A 59 -12.84 8.80 11.63
C GLY A 59 -12.78 9.72 12.84
N PRO A 60 -13.17 10.99 12.64
CA PRO A 60 -13.17 12.00 13.71
C PRO A 60 -14.25 11.73 14.74
N SER A 61 -15.38 11.20 14.30
CA SER A 61 -16.50 10.90 15.19
C SER A 61 -16.88 12.14 16.01
N SER A 62 -17.02 13.27 15.33
CA SER A 62 -17.39 14.52 15.99
C SER A 62 -18.87 14.55 16.32
N GLY A 63 -19.28 13.77 17.30
CA GLY A 63 -20.68 13.72 17.69
C GLY A 63 -21.44 12.61 16.99
N GLY A 1 -8.75 -10.47 6.45
CA GLY A 1 -9.34 -11.64 5.82
C GLY A 1 -10.71 -11.37 5.25
N SER A 2 -10.77 -10.53 4.22
CA SER A 2 -12.03 -10.18 3.59
C SER A 2 -11.89 -10.19 2.07
N SER A 3 -12.91 -10.73 1.39
CA SER A 3 -12.91 -10.80 -0.07
C SER A 3 -13.53 -9.55 -0.68
N GLY A 4 -12.84 -8.42 -0.54
CA GLY A 4 -13.32 -7.17 -1.08
C GLY A 4 -12.68 -5.96 -0.43
N SER A 5 -12.28 -5.00 -1.25
CA SER A 5 -11.64 -3.78 -0.75
C SER A 5 -12.23 -2.54 -1.42
N SER A 6 -12.37 -1.47 -0.63
CA SER A 6 -12.93 -0.23 -1.15
C SER A 6 -12.23 0.97 -0.52
N GLY A 7 -11.21 1.48 -1.20
CA GLY A 7 -10.48 2.63 -0.69
C GLY A 7 -9.94 3.51 -1.80
N ILE A 8 -8.64 3.45 -2.03
CA ILE A 8 -8.00 4.25 -3.07
C ILE A 8 -7.19 3.37 -4.01
N GLU A 9 -7.76 3.09 -5.18
CA GLU A 9 -7.08 2.26 -6.17
C GLU A 9 -6.60 3.11 -7.34
N LYS A 10 -6.24 4.35 -7.06
CA LYS A 10 -5.75 5.26 -8.10
C LYS A 10 -4.31 4.97 -8.46
N CYS A 11 -3.43 5.06 -7.47
CA CYS A 11 -2.01 4.80 -7.68
C CYS A 11 -1.57 3.53 -6.96
N TRP A 12 -2.48 2.56 -6.88
CA TRP A 12 -2.20 1.30 -6.21
C TRP A 12 -3.06 0.17 -6.77
N THR A 13 -2.49 -0.59 -7.70
CA THR A 13 -3.21 -1.69 -8.33
C THR A 13 -3.41 -2.84 -7.34
N GLU A 14 -4.34 -3.73 -7.67
CA GLU A 14 -4.63 -4.88 -6.81
C GLU A 14 -3.36 -5.65 -6.50
N ASP A 15 -2.59 -5.96 -7.53
CA ASP A 15 -1.34 -6.71 -7.36
C ASP A 15 -0.43 -6.02 -6.35
N GLU A 16 -0.17 -4.74 -6.57
CA GLU A 16 0.70 -3.98 -5.69
C GLU A 16 0.21 -4.08 -4.24
N VAL A 17 -1.04 -3.71 -4.02
CA VAL A 17 -1.64 -3.77 -2.68
C VAL A 17 -1.43 -5.13 -2.04
N LYS A 18 -1.84 -6.17 -2.75
CA LYS A 18 -1.70 -7.54 -2.26
C LYS A 18 -0.27 -7.82 -1.82
N ARG A 19 0.69 -7.38 -2.63
CA ARG A 19 2.10 -7.58 -2.32
C ARG A 19 2.49 -6.86 -1.04
N PHE A 20 2.09 -5.59 -0.94
CA PHE A 20 2.39 -4.78 0.23
C PHE A 20 1.92 -5.47 1.51
N VAL A 21 0.67 -5.91 1.50
CA VAL A 21 0.09 -6.58 2.66
C VAL A 21 0.85 -7.86 2.99
N LYS A 22 1.08 -8.69 1.97
CA LYS A 22 1.79 -9.95 2.15
C LYS A 22 3.18 -9.70 2.74
N GLY A 23 3.85 -8.67 2.25
CA GLY A 23 5.18 -8.34 2.74
C GLY A 23 5.15 -7.78 4.15
N LEU A 24 4.15 -6.95 4.43
CA LEU A 24 4.01 -6.35 5.75
C LEU A 24 3.64 -7.39 6.80
N ARG A 25 2.95 -8.45 6.36
CA ARG A 25 2.54 -9.52 7.25
C ARG A 25 3.60 -10.60 7.34
N GLN A 26 4.38 -10.74 6.27
CA GLN A 26 5.44 -11.74 6.22
C GLN A 26 6.71 -11.22 6.88
N TYR A 27 7.23 -10.12 6.36
CA TYR A 27 8.45 -9.52 6.90
C TYR A 27 8.15 -8.72 8.16
N GLY A 28 7.54 -7.55 7.98
CA GLY A 28 7.21 -6.70 9.11
C GLY A 28 7.55 -5.25 8.87
N LYS A 29 8.56 -4.75 9.58
CA LYS A 29 8.99 -3.37 9.44
C LYS A 29 10.33 -3.28 8.72
N ASN A 30 10.31 -3.49 7.40
CA ASN A 30 11.52 -3.44 6.60
C ASN A 30 11.19 -3.10 5.16
N PHE A 31 10.47 -2.02 4.95
CA PHE A 31 10.08 -1.58 3.61
C PHE A 31 11.31 -1.49 2.70
N PHE A 32 12.45 -1.18 3.29
CA PHE A 32 13.69 -1.07 2.54
C PHE A 32 13.96 -2.32 1.71
N ARG A 33 13.74 -3.48 2.34
CA ARG A 33 13.96 -4.75 1.66
C ARG A 33 12.66 -5.26 1.04
N ILE A 34 11.57 -5.17 1.80
CA ILE A 34 10.28 -5.63 1.31
C ILE A 34 9.95 -5.02 -0.05
N ARG A 35 10.29 -3.75 -0.22
CA ARG A 35 10.03 -3.05 -1.47
C ARG A 35 10.99 -3.52 -2.56
N LYS A 36 12.26 -3.69 -2.20
CA LYS A 36 13.27 -4.13 -3.15
C LYS A 36 12.91 -5.49 -3.73
N GLU A 37 12.10 -6.25 -3.00
CA GLU A 37 11.67 -7.57 -3.45
C GLU A 37 10.26 -7.53 -4.04
N LEU A 38 9.44 -6.63 -3.50
CA LEU A 38 8.07 -6.48 -3.97
C LEU A 38 7.99 -5.48 -5.12
N LEU A 39 8.11 -4.20 -4.78
CA LEU A 39 8.05 -3.14 -5.78
C LEU A 39 9.35 -2.34 -5.80
N PRO A 40 10.42 -2.95 -6.34
CA PRO A 40 11.73 -2.31 -6.44
C PRO A 40 11.75 -1.17 -7.44
N ASN A 41 10.75 -1.13 -8.31
CA ASN A 41 10.64 -0.08 -9.33
C ASN A 41 9.71 1.03 -8.87
N LYS A 42 9.61 1.21 -7.56
CA LYS A 42 8.75 2.24 -6.99
C LYS A 42 9.52 3.13 -6.02
N GLU A 43 8.81 4.05 -5.37
CA GLU A 43 9.44 4.95 -4.42
C GLU A 43 8.96 4.66 -2.99
N THR A 44 9.90 4.61 -2.06
CA THR A 44 9.58 4.34 -0.66
C THR A 44 8.48 5.27 -0.15
N GLY A 45 8.47 6.50 -0.67
CA GLY A 45 7.47 7.46 -0.26
C GLY A 45 6.06 6.92 -0.41
N GLU A 46 5.83 6.13 -1.46
CA GLU A 46 4.51 5.56 -1.71
C GLU A 46 4.15 4.54 -0.63
N LEU A 47 5.09 3.68 -0.31
CA LEU A 47 4.87 2.64 0.71
C LEU A 47 4.62 3.27 2.07
N ILE A 48 5.47 4.23 2.44
CA ILE A 48 5.33 4.92 3.72
C ILE A 48 4.00 5.64 3.82
N THR A 49 3.70 6.49 2.84
CA THR A 49 2.45 7.23 2.83
C THR A 49 1.25 6.29 2.86
N PHE A 50 1.26 5.30 1.98
CA PHE A 50 0.17 4.33 1.90
C PHE A 50 -0.02 3.61 3.24
N TYR A 51 1.09 3.29 3.88
CA TYR A 51 1.06 2.60 5.17
C TYR A 51 0.44 3.49 6.24
N TYR A 52 0.81 4.77 6.23
CA TYR A 52 0.31 5.72 7.21
C TYR A 52 -1.21 5.88 7.07
N TYR A 53 -1.65 6.21 5.86
CA TYR A 53 -3.07 6.40 5.60
C TYR A 53 -3.85 5.10 5.84
N TRP A 54 -3.23 3.98 5.49
CA TRP A 54 -3.86 2.68 5.67
C TRP A 54 -4.05 2.36 7.15
N LYS A 55 -3.02 2.65 7.94
CA LYS A 55 -3.06 2.40 9.37
C LYS A 55 -4.23 3.14 10.03
N LYS A 56 -4.65 4.24 9.41
CA LYS A 56 -5.75 5.03 9.92
C LYS A 56 -7.06 4.26 9.82
N THR A 57 -7.35 3.74 8.64
CA THR A 57 -8.58 2.98 8.42
C THR A 57 -8.30 1.48 8.40
N SER A 58 -8.57 0.83 9.52
CA SER A 58 -8.35 -0.61 9.64
C SER A 58 -9.16 -1.20 10.79
N GLY A 59 -10.37 -1.66 10.47
CA GLY A 59 -11.23 -2.23 11.49
C GLY A 59 -12.70 -2.13 11.13
N PRO A 60 -13.57 -2.73 11.97
CA PRO A 60 -15.01 -2.71 11.76
C PRO A 60 -15.61 -1.33 11.96
N SER A 61 -15.48 -0.47 10.95
CA SER A 61 -16.01 0.89 11.03
C SER A 61 -16.66 1.28 9.71
N SER A 62 -17.99 1.29 9.69
CA SER A 62 -18.73 1.65 8.49
C SER A 62 -19.76 2.75 8.79
N GLY A 63 -19.28 3.98 8.85
CA GLY A 63 -20.16 5.10 9.13
C GLY A 63 -19.89 6.29 8.24
N GLY A 1 -18.20 -3.89 -10.52
CA GLY A 1 -17.00 -3.34 -11.12
C GLY A 1 -17.27 -2.70 -12.47
N SER A 2 -17.30 -3.52 -13.51
CA SER A 2 -17.55 -3.03 -14.86
C SER A 2 -16.51 -1.99 -15.26
N SER A 3 -15.43 -2.44 -15.88
CA SER A 3 -14.36 -1.54 -16.31
C SER A 3 -14.79 -0.72 -17.52
N GLY A 4 -14.57 0.58 -17.45
CA GLY A 4 -14.93 1.46 -18.55
C GLY A 4 -14.18 2.77 -18.54
N SER A 5 -12.86 2.68 -18.45
CA SER A 5 -12.01 3.88 -18.42
C SER A 5 -12.32 4.74 -17.20
N SER A 6 -11.48 5.73 -16.95
CA SER A 6 -11.67 6.62 -15.82
C SER A 6 -11.09 8.01 -16.11
N GLY A 7 -11.05 8.85 -15.08
CA GLY A 7 -10.51 10.19 -15.25
C GLY A 7 -9.93 10.75 -13.96
N ILE A 8 -9.53 9.85 -13.07
CA ILE A 8 -8.94 10.26 -11.80
C ILE A 8 -7.70 9.45 -11.48
N GLU A 9 -6.97 9.86 -10.44
CA GLU A 9 -5.75 9.17 -10.03
C GLU A 9 -6.02 8.26 -8.83
N LYS A 10 -5.66 6.99 -8.96
CA LYS A 10 -5.86 6.03 -7.89
C LYS A 10 -4.53 5.41 -7.47
N CYS A 11 -3.76 4.95 -8.44
CA CYS A 11 -2.47 4.33 -8.17
C CYS A 11 -2.63 3.08 -7.31
N TRP A 12 -1.54 2.36 -7.11
CA TRP A 12 -1.55 1.15 -6.31
C TRP A 12 -2.55 0.14 -6.86
N THR A 13 -2.09 -0.74 -7.73
CA THR A 13 -2.95 -1.75 -8.35
C THR A 13 -3.19 -2.91 -7.39
N GLU A 14 -3.96 -3.89 -7.83
CA GLU A 14 -4.28 -5.06 -7.02
C GLU A 14 -3.00 -5.78 -6.59
N ASP A 15 -2.11 -6.01 -7.55
CA ASP A 15 -0.85 -6.69 -7.27
C ASP A 15 -0.04 -5.93 -6.22
N GLU A 16 0.06 -4.62 -6.39
CA GLU A 16 0.80 -3.78 -5.45
C GLU A 16 0.21 -3.88 -4.05
N VAL A 17 -1.12 -3.92 -3.98
CA VAL A 17 -1.82 -4.00 -2.71
C VAL A 17 -1.58 -5.34 -2.03
N LYS A 18 -2.01 -6.42 -2.68
CA LYS A 18 -1.84 -7.75 -2.15
C LYS A 18 -0.39 -8.01 -1.77
N ARG A 19 0.53 -7.44 -2.55
CA ARG A 19 1.96 -7.61 -2.29
C ARG A 19 2.37 -6.90 -1.01
N PHE A 20 2.07 -5.61 -0.93
CA PHE A 20 2.40 -4.82 0.25
C PHE A 20 1.89 -5.49 1.52
N VAL A 21 0.64 -5.96 1.47
CA VAL A 21 0.03 -6.62 2.61
C VAL A 21 0.76 -7.92 2.95
N LYS A 22 1.00 -8.73 1.93
CA LYS A 22 1.68 -10.01 2.11
C LYS A 22 3.06 -9.80 2.74
N GLY A 23 3.83 -8.89 2.17
CA GLY A 23 5.16 -8.61 2.70
C GLY A 23 5.12 -8.00 4.08
N LEU A 24 4.11 -7.17 4.33
CA LEU A 24 3.96 -6.53 5.63
C LEU A 24 3.68 -7.54 6.72
N ARG A 25 2.85 -8.53 6.41
CA ARG A 25 2.50 -9.58 7.37
C ARG A 25 3.58 -10.65 7.42
N GLN A 26 4.29 -10.83 6.31
CA GLN A 26 5.35 -11.82 6.23
C GLN A 26 6.61 -11.34 6.93
N TYR A 27 7.15 -10.22 6.46
CA TYR A 27 8.36 -9.65 7.05
C TYR A 27 8.03 -8.83 8.30
N GLY A 28 7.38 -7.69 8.09
CA GLY A 28 7.02 -6.84 9.20
C GLY A 28 7.35 -5.38 8.95
N LYS A 29 8.39 -4.88 9.61
CA LYS A 29 8.82 -3.50 9.46
C LYS A 29 10.17 -3.42 8.76
N ASN A 30 10.16 -3.57 7.44
CA ASN A 30 11.38 -3.51 6.65
C ASN A 30 11.08 -3.18 5.20
N PHE A 31 10.33 -2.10 4.98
CA PHE A 31 9.97 -1.68 3.63
C PHE A 31 11.21 -1.56 2.75
N PHE A 32 12.33 -1.23 3.37
CA PHE A 32 13.58 -1.09 2.64
C PHE A 32 13.87 -2.32 1.78
N ARG A 33 13.62 -3.49 2.35
CA ARG A 33 13.84 -4.74 1.64
C ARG A 33 12.55 -5.26 1.02
N ILE A 34 11.47 -5.20 1.78
CA ILE A 34 10.16 -5.65 1.31
C ILE A 34 9.82 -5.03 -0.04
N ARG A 35 10.14 -3.74 -0.19
CA ARG A 35 9.86 -3.03 -1.43
C ARG A 35 10.83 -3.44 -2.52
N LYS A 36 12.10 -3.60 -2.17
CA LYS A 36 13.12 -4.01 -3.12
C LYS A 36 12.80 -5.36 -3.73
N GLU A 37 12.00 -6.14 -3.02
CA GLU A 37 11.61 -7.46 -3.50
C GLU A 37 10.19 -7.44 -4.08
N LEU A 38 9.35 -6.57 -3.53
CA LEU A 38 7.97 -6.45 -3.99
C LEU A 38 7.87 -5.42 -5.11
N LEU A 39 7.95 -4.14 -4.76
CA LEU A 39 7.88 -3.06 -5.73
C LEU A 39 9.16 -2.24 -5.74
N PRO A 40 10.23 -2.82 -6.30
CA PRO A 40 11.53 -2.15 -6.39
C PRO A 40 11.52 -0.99 -7.38
N ASN A 41 10.51 -0.96 -8.24
CA ASN A 41 10.38 0.09 -9.23
C ASN A 41 9.67 1.31 -8.65
N LYS A 42 8.84 1.07 -7.63
CA LYS A 42 8.10 2.16 -6.99
C LYS A 42 9.02 2.97 -6.08
N GLU A 43 8.44 3.98 -5.44
CA GLU A 43 9.21 4.86 -4.55
C GLU A 43 8.80 4.63 -3.09
N THR A 44 9.79 4.66 -2.19
CA THR A 44 9.54 4.45 -0.78
C THR A 44 8.43 5.38 -0.28
N GLY A 45 8.40 6.60 -0.82
CA GLY A 45 7.39 7.56 -0.42
C GLY A 45 5.98 6.99 -0.51
N GLU A 46 5.71 6.25 -1.57
CA GLU A 46 4.40 5.65 -1.78
C GLU A 46 4.09 4.62 -0.68
N LEU A 47 5.09 3.82 -0.33
CA LEU A 47 4.92 2.80 0.71
C LEU A 47 4.67 3.45 2.07
N ILE A 48 5.51 4.43 2.41
CA ILE A 48 5.38 5.13 3.69
C ILE A 48 4.02 5.82 3.80
N THR A 49 3.73 6.69 2.84
CA THR A 49 2.46 7.41 2.84
C THR A 49 1.28 6.45 2.89
N PHE A 50 1.25 5.50 1.96
CA PHE A 50 0.17 4.52 1.90
C PHE A 50 0.06 3.75 3.21
N TYR A 51 1.21 3.50 3.83
CA TYR A 51 1.25 2.76 5.09
C TYR A 51 0.58 3.56 6.21
N TYR A 52 0.99 4.82 6.35
CA TYR A 52 0.43 5.68 7.38
C TYR A 52 -1.07 5.85 7.20
N TYR A 53 -1.49 6.14 5.98
CA TYR A 53 -2.91 6.33 5.68
C TYR A 53 -3.68 5.03 5.92
N TRP A 54 -3.11 3.91 5.49
CA TRP A 54 -3.75 2.62 5.67
C TRP A 54 -3.85 2.25 7.14
N LYS A 55 -2.86 2.69 7.92
CA LYS A 55 -2.84 2.40 9.35
C LYS A 55 -4.01 3.08 10.06
N LYS A 56 -4.33 4.29 9.64
CA LYS A 56 -5.43 5.05 10.23
C LYS A 56 -6.77 4.58 9.67
N THR A 57 -6.78 4.23 8.39
CA THR A 57 -8.00 3.77 7.74
C THR A 57 -9.08 4.84 7.76
N SER A 58 -10.16 4.60 7.02
CA SER A 58 -11.26 5.55 6.95
C SER A 58 -12.12 5.49 8.22
N GLY A 59 -12.59 4.29 8.55
CA GLY A 59 -13.41 4.13 9.73
C GLY A 59 -14.49 3.08 9.54
N PRO A 60 -15.10 2.65 10.65
CA PRO A 60 -16.17 1.64 10.63
C PRO A 60 -17.46 2.17 10.00
N SER A 61 -17.75 1.71 8.79
CA SER A 61 -18.95 2.14 8.09
C SER A 61 -18.91 3.64 7.81
N SER A 62 -18.42 4.00 6.62
CA SER A 62 -18.31 5.40 6.23
C SER A 62 -19.68 5.96 5.83
N GLY A 63 -20.44 6.40 6.82
CA GLY A 63 -21.77 6.95 6.54
C GLY A 63 -22.45 7.44 7.80
N GLY A 1 -19.84 -7.66 -10.99
CA GLY A 1 -21.15 -7.54 -10.40
C GLY A 1 -22.16 -6.92 -11.34
N SER A 2 -22.81 -5.85 -10.90
CA SER A 2 -23.81 -5.16 -11.72
C SER A 2 -23.18 -4.01 -12.50
N SER A 3 -23.42 -3.98 -13.80
CA SER A 3 -22.88 -2.94 -14.66
C SER A 3 -21.37 -2.86 -14.53
N GLY A 4 -20.73 -4.02 -14.36
CA GLY A 4 -19.29 -4.05 -14.21
C GLY A 4 -18.82 -3.58 -12.85
N SER A 5 -17.67 -2.92 -12.82
CA SER A 5 -17.11 -2.42 -11.56
C SER A 5 -17.33 -0.92 -11.44
N SER A 6 -16.94 -0.36 -10.29
CA SER A 6 -17.11 1.07 -10.04
C SER A 6 -16.22 1.51 -8.89
N GLY A 7 -14.91 1.37 -9.05
CA GLY A 7 -13.98 1.77 -8.02
C GLY A 7 -12.54 1.40 -8.35
N ILE A 8 -11.89 2.23 -9.16
CA ILE A 8 -10.51 1.99 -9.55
C ILE A 8 -9.59 3.07 -9.01
N GLU A 9 -9.04 2.85 -7.81
CA GLU A 9 -8.14 3.81 -7.19
C GLU A 9 -6.92 4.05 -8.06
N LYS A 10 -6.53 5.32 -8.18
CA LYS A 10 -5.38 5.68 -8.99
C LYS A 10 -4.11 5.01 -8.48
N CYS A 11 -3.36 4.40 -9.39
CA CYS A 11 -2.13 3.72 -9.03
C CYS A 11 -2.39 2.60 -8.03
N TRP A 12 -1.33 1.96 -7.56
CA TRP A 12 -1.45 0.87 -6.60
C TRP A 12 -2.43 -0.19 -7.09
N THR A 13 -2.01 -0.94 -8.10
CA THR A 13 -2.85 -2.00 -8.67
C THR A 13 -3.05 -3.14 -7.68
N GLU A 14 -3.90 -4.09 -8.05
CA GLU A 14 -4.17 -5.24 -7.18
C GLU A 14 -2.87 -5.92 -6.75
N ASP A 15 -2.02 -6.23 -7.71
CA ASP A 15 -0.74 -6.88 -7.42
C ASP A 15 0.04 -6.09 -6.38
N GLU A 16 0.15 -4.79 -6.59
CA GLU A 16 0.88 -3.93 -5.66
C GLU A 16 0.26 -3.98 -4.26
N VAL A 17 -1.07 -4.02 -4.21
CA VAL A 17 -1.78 -4.09 -2.94
C VAL A 17 -1.53 -5.41 -2.22
N LYS A 18 -1.94 -6.50 -2.86
CA LYS A 18 -1.76 -7.83 -2.29
C LYS A 18 -0.31 -8.05 -1.88
N ARG A 19 0.61 -7.49 -2.66
CA ARG A 19 2.03 -7.63 -2.39
C ARG A 19 2.42 -6.88 -1.12
N PHE A 20 2.04 -5.61 -1.05
CA PHE A 20 2.34 -4.78 0.11
C PHE A 20 1.84 -5.43 1.40
N VAL A 21 0.59 -5.88 1.37
CA VAL A 21 -0.02 -6.52 2.53
C VAL A 21 0.71 -7.81 2.88
N LYS A 22 0.95 -8.64 1.87
CA LYS A 22 1.64 -9.91 2.06
C LYS A 22 3.02 -9.70 2.68
N GLY A 23 3.75 -8.72 2.14
CA GLY A 23 5.08 -8.43 2.66
C GLY A 23 5.05 -7.85 4.06
N LEU A 24 4.04 -7.04 4.35
CA LEU A 24 3.89 -6.42 5.66
C LEU A 24 3.54 -7.46 6.71
N ARG A 25 2.76 -8.46 6.33
CA ARG A 25 2.37 -9.52 7.24
C ARG A 25 3.44 -10.61 7.31
N GLN A 26 4.18 -10.76 6.22
CA GLN A 26 5.24 -11.77 6.16
C GLN A 26 6.51 -11.27 6.85
N TYR A 27 7.05 -10.16 6.35
CA TYR A 27 8.26 -9.59 6.91
C TYR A 27 7.96 -8.77 8.17
N GLY A 28 7.38 -7.59 7.97
CA GLY A 28 7.04 -6.73 9.09
C GLY A 28 7.30 -5.27 8.80
N LYS A 29 8.20 -4.67 9.57
CA LYS A 29 8.54 -3.26 9.39
C LYS A 29 9.91 -3.11 8.72
N ASN A 30 9.97 -3.46 7.44
CA ASN A 30 11.22 -3.37 6.69
C ASN A 30 10.94 -3.07 5.22
N PHE A 31 10.20 -2.00 4.97
CA PHE A 31 9.86 -1.61 3.60
C PHE A 31 11.12 -1.49 2.75
N PHE A 32 12.23 -1.15 3.39
CA PHE A 32 13.50 -1.00 2.68
C PHE A 32 13.81 -2.24 1.84
N ARG A 33 13.56 -3.41 2.42
CA ARG A 33 13.81 -4.67 1.73
C ARG A 33 12.54 -5.20 1.09
N ILE A 34 11.44 -5.13 1.83
CA ILE A 34 10.16 -5.61 1.33
C ILE A 34 9.83 -5.00 -0.03
N ARG A 35 10.14 -3.72 -0.18
CA ARG A 35 9.88 -3.01 -1.44
C ARG A 35 10.87 -3.45 -2.52
N LYS A 36 12.14 -3.61 -2.13
CA LYS A 36 13.17 -4.02 -3.06
C LYS A 36 12.86 -5.37 -3.68
N GLU A 37 12.04 -6.16 -2.97
CA GLU A 37 11.67 -7.48 -3.44
C GLU A 37 10.26 -7.45 -4.05
N LEU A 38 9.41 -6.58 -3.52
CA LEU A 38 8.04 -6.46 -4.00
C LEU A 38 7.96 -5.44 -5.13
N LEU A 39 8.05 -4.16 -4.79
CA LEU A 39 7.98 -3.09 -5.79
C LEU A 39 9.28 -2.29 -5.79
N PRO A 40 10.34 -2.88 -6.35
CA PRO A 40 11.65 -2.23 -6.43
C PRO A 40 11.66 -1.08 -7.43
N ASN A 41 10.65 -1.03 -8.29
CA ASN A 41 10.54 0.02 -9.30
C ASN A 41 9.79 1.23 -8.74
N LYS A 42 8.93 0.98 -7.75
CA LYS A 42 8.15 2.04 -7.13
C LYS A 42 9.03 2.90 -6.22
N GLU A 43 8.43 3.91 -5.61
CA GLU A 43 9.15 4.81 -4.72
C GLU A 43 8.76 4.57 -3.26
N THR A 44 9.76 4.53 -2.38
CA THR A 44 9.52 4.30 -0.97
C THR A 44 8.46 5.26 -0.43
N GLY A 45 8.43 6.47 -0.97
CA GLY A 45 7.46 7.46 -0.52
C GLY A 45 6.04 6.93 -0.56
N GLU A 46 5.67 6.28 -1.67
CA GLU A 46 4.34 5.74 -1.82
C GLU A 46 4.05 4.70 -0.73
N LEU A 47 5.03 3.86 -0.44
CA LEU A 47 4.89 2.83 0.58
C LEU A 47 4.62 3.46 1.95
N ILE A 48 5.54 4.31 2.38
CA ILE A 48 5.42 4.98 3.67
C ILE A 48 4.06 5.65 3.81
N THR A 49 3.72 6.51 2.83
CA THR A 49 2.45 7.22 2.85
C THR A 49 1.28 6.26 2.95
N PHE A 50 1.31 5.21 2.12
CA PHE A 50 0.23 4.22 2.12
C PHE A 50 0.03 3.65 3.52
N TYR A 51 1.12 3.23 4.15
CA TYR A 51 1.06 2.65 5.49
C TYR A 51 0.58 3.68 6.51
N TYR A 52 0.95 4.94 6.29
CA TYR A 52 0.55 6.02 7.18
C TYR A 52 -0.96 6.21 7.17
N TYR A 53 -1.54 6.21 5.98
CA TYR A 53 -2.98 6.38 5.82
C TYR A 53 -3.72 5.10 6.16
N TRP A 54 -3.05 3.96 5.96
CA TRP A 54 -3.64 2.66 6.23
C TRP A 54 -3.76 2.42 7.74
N LYS A 55 -2.72 2.80 8.47
CA LYS A 55 -2.71 2.64 9.91
C LYS A 55 -3.70 3.58 10.58
N LYS A 56 -3.64 4.85 10.21
CA LYS A 56 -4.55 5.86 10.76
C LYS A 56 -6.00 5.41 10.65
N THR A 57 -6.47 5.26 9.41
CA THR A 57 -7.84 4.84 9.16
C THR A 57 -8.84 5.80 9.80
N SER A 58 -9.16 6.88 9.10
CA SER A 58 -10.10 7.88 9.60
C SER A 58 -11.07 8.30 8.51
N GLY A 59 -11.65 7.32 7.83
CA GLY A 59 -12.60 7.61 6.77
C GLY A 59 -11.99 8.46 5.67
N PRO A 60 -12.81 8.80 4.67
CA PRO A 60 -12.37 9.62 3.52
C PRO A 60 -12.10 11.07 3.92
N SER A 61 -11.65 11.86 2.96
CA SER A 61 -11.34 13.27 3.21
C SER A 61 -12.56 14.14 2.95
N SER A 62 -13.27 13.85 1.86
CA SER A 62 -14.45 14.61 1.49
C SER A 62 -15.70 13.73 1.52
N GLY A 63 -16.23 13.54 2.73
CA GLY A 63 -17.43 12.72 2.88
C GLY A 63 -18.38 13.27 3.92
N GLY A 1 -20.73 -10.67 -7.73
CA GLY A 1 -21.55 -10.65 -6.53
C GLY A 1 -22.64 -9.59 -6.61
N SER A 2 -22.75 -8.79 -5.56
CA SER A 2 -23.76 -7.74 -5.50
C SER A 2 -23.25 -6.53 -4.70
N SER A 3 -21.93 -6.35 -4.70
CA SER A 3 -21.31 -5.25 -3.98
C SER A 3 -19.84 -5.14 -4.32
N GLY A 4 -19.55 -4.86 -5.60
CA GLY A 4 -18.17 -4.73 -6.03
C GLY A 4 -17.42 -3.66 -5.26
N SER A 5 -16.53 -4.10 -4.37
CA SER A 5 -15.75 -3.17 -3.56
C SER A 5 -14.87 -2.29 -4.44
N SER A 6 -14.11 -2.93 -5.33
CA SER A 6 -13.21 -2.21 -6.22
C SER A 6 -13.85 -2.04 -7.61
N GLY A 7 -13.38 -1.05 -8.35
CA GLY A 7 -13.91 -0.80 -9.68
C GLY A 7 -13.33 0.44 -10.32
N ILE A 8 -12.98 1.42 -9.49
CA ILE A 8 -12.42 2.66 -9.98
C ILE A 8 -11.13 3.01 -9.25
N GLU A 9 -10.01 2.53 -9.77
CA GLU A 9 -8.70 2.78 -9.17
C GLU A 9 -7.69 3.24 -10.21
N LYS A 10 -7.06 4.39 -9.95
CA LYS A 10 -6.07 4.93 -10.87
C LYS A 10 -4.67 4.49 -10.48
N CYS A 11 -4.28 4.76 -9.24
CA CYS A 11 -2.96 4.39 -8.74
C CYS A 11 -3.05 3.22 -7.78
N TRP A 12 -1.93 2.53 -7.58
CA TRP A 12 -1.89 1.38 -6.68
C TRP A 12 -2.87 0.31 -7.13
N THR A 13 -2.40 -0.61 -7.97
CA THR A 13 -3.23 -1.69 -8.48
C THR A 13 -3.38 -2.80 -7.45
N GLU A 14 -4.29 -3.74 -7.71
CA GLU A 14 -4.53 -4.84 -6.80
C GLU A 14 -3.23 -5.58 -6.48
N ASP A 15 -2.44 -5.86 -7.51
CA ASP A 15 -1.18 -6.55 -7.35
C ASP A 15 -0.30 -5.84 -6.32
N GLU A 16 -0.09 -4.54 -6.53
CA GLU A 16 0.74 -3.75 -5.63
C GLU A 16 0.23 -3.87 -4.19
N VAL A 17 -1.02 -3.48 -3.98
CA VAL A 17 -1.62 -3.54 -2.65
C VAL A 17 -1.45 -4.93 -2.03
N LYS A 18 -1.83 -5.95 -2.78
CA LYS A 18 -1.73 -7.34 -2.31
C LYS A 18 -0.31 -7.63 -1.82
N ARG A 19 0.68 -7.25 -2.61
CA ARG A 19 2.09 -7.48 -2.26
C ARG A 19 2.45 -6.68 -1.01
N PHE A 20 2.05 -5.42 -0.99
CA PHE A 20 2.34 -4.55 0.15
C PHE A 20 1.91 -5.19 1.46
N VAL A 21 0.66 -5.62 1.52
CA VAL A 21 0.12 -6.27 2.71
C VAL A 21 0.82 -7.59 2.98
N LYS A 22 1.08 -8.35 1.92
CA LYS A 22 1.74 -9.64 2.04
C LYS A 22 3.10 -9.50 2.72
N GLY A 23 3.90 -8.56 2.21
CA GLY A 23 5.22 -8.34 2.79
C GLY A 23 5.16 -7.72 4.16
N LEU A 24 4.21 -6.82 4.36
CA LEU A 24 4.04 -6.15 5.65
C LEU A 24 3.60 -7.14 6.73
N ARG A 25 2.87 -8.17 6.31
CA ARG A 25 2.39 -9.19 7.23
C ARG A 25 3.39 -10.32 7.37
N GLN A 26 4.16 -10.56 6.31
CA GLN A 26 5.15 -11.62 6.31
C GLN A 26 6.42 -11.17 7.03
N TYR A 27 7.02 -10.09 6.56
CA TYR A 27 8.23 -9.56 7.17
C TYR A 27 7.91 -8.67 8.36
N GLY A 28 7.40 -7.48 8.07
CA GLY A 28 7.06 -6.55 9.14
C GLY A 28 7.44 -5.12 8.80
N LYS A 29 8.32 -4.54 9.60
CA LYS A 29 8.78 -3.17 9.39
C LYS A 29 10.15 -3.15 8.74
N ASN A 30 10.17 -3.17 7.41
CA ASN A 30 11.43 -3.15 6.67
C ASN A 30 11.18 -2.87 5.19
N PHE A 31 10.52 -1.76 4.91
CA PHE A 31 10.21 -1.37 3.53
C PHE A 31 11.48 -1.35 2.68
N PHE A 32 12.61 -1.08 3.33
CA PHE A 32 13.89 -1.03 2.64
C PHE A 32 14.12 -2.29 1.81
N ARG A 33 13.82 -3.44 2.41
CA ARG A 33 13.99 -4.72 1.73
C ARG A 33 12.67 -5.19 1.12
N ILE A 34 11.59 -5.06 1.88
CA ILE A 34 10.28 -5.47 1.41
C ILE A 34 9.96 -4.86 0.05
N ARG A 35 10.42 -3.64 -0.15
CA ARG A 35 10.19 -2.93 -1.42
C ARG A 35 11.08 -3.50 -2.52
N LYS A 36 12.35 -3.72 -2.20
CA LYS A 36 13.29 -4.25 -3.17
C LYS A 36 12.84 -5.60 -3.70
N GLU A 37 12.00 -6.28 -2.92
CA GLU A 37 11.48 -7.59 -3.31
C GLU A 37 10.07 -7.47 -3.89
N LEU A 38 9.29 -6.53 -3.35
CA LEU A 38 7.93 -6.31 -3.81
C LEU A 38 7.90 -5.33 -4.98
N LEU A 39 8.09 -4.06 -4.67
CA LEU A 39 8.09 -3.01 -5.69
C LEU A 39 9.43 -2.29 -5.73
N PRO A 40 10.45 -2.97 -6.28
CA PRO A 40 11.80 -2.41 -6.39
C PRO A 40 11.87 -1.28 -7.42
N ASN A 41 10.86 -1.18 -8.27
CA ASN A 41 10.81 -0.15 -9.29
C ASN A 41 10.16 1.12 -8.75
N LYS A 42 9.31 0.96 -7.74
CA LYS A 42 8.63 2.09 -7.14
C LYS A 42 9.51 2.77 -6.08
N GLU A 43 8.95 3.73 -5.37
CA GLU A 43 9.69 4.45 -4.34
C GLU A 43 9.09 4.17 -2.95
N THR A 44 9.87 4.49 -1.92
CA THR A 44 9.43 4.27 -0.54
C THR A 44 8.30 5.21 -0.18
N GLY A 45 8.25 6.36 -0.87
CA GLY A 45 7.20 7.34 -0.59
C GLY A 45 5.82 6.74 -0.65
N GLU A 46 5.55 5.97 -1.70
CA GLU A 46 4.24 5.34 -1.88
C GLU A 46 3.99 4.31 -0.79
N LEU A 47 4.99 3.46 -0.54
CA LEU A 47 4.88 2.41 0.48
C LEU A 47 4.59 3.02 1.84
N ILE A 48 5.47 3.91 2.29
CA ILE A 48 5.31 4.56 3.58
C ILE A 48 3.95 5.25 3.68
N THR A 49 3.68 6.13 2.72
CA THR A 49 2.42 6.87 2.70
C THR A 49 1.23 5.93 2.81
N PHE A 50 1.27 4.85 2.04
CA PHE A 50 0.20 3.86 2.06
C PHE A 50 0.09 3.20 3.42
N TYR A 51 1.23 2.99 4.07
CA TYR A 51 1.27 2.35 5.38
C TYR A 51 0.58 3.22 6.42
N TYR A 52 0.91 4.51 6.42
CA TYR A 52 0.33 5.46 7.37
C TYR A 52 -1.16 5.66 7.09
N TYR A 53 -1.49 5.92 5.83
CA TYR A 53 -2.88 6.13 5.43
C TYR A 53 -3.73 4.90 5.75
N TRP A 54 -3.17 3.72 5.49
CA TRP A 54 -3.88 2.47 5.75
C TRP A 54 -4.03 2.23 7.25
N LYS A 55 -2.98 2.52 8.00
CA LYS A 55 -2.99 2.34 9.45
C LYS A 55 -3.92 3.34 10.12
N LYS A 56 -4.12 4.48 9.47
CA LYS A 56 -5.00 5.52 9.99
C LYS A 56 -5.83 6.15 8.89
N THR A 57 -6.93 5.50 8.54
CA THR A 57 -7.81 6.00 7.48
C THR A 57 -9.09 6.59 8.07
N SER A 58 -9.86 5.76 8.77
CA SER A 58 -11.11 6.19 9.38
C SER A 58 -10.86 6.73 10.78
N GLY A 59 -10.19 7.88 10.86
CA GLY A 59 -9.90 8.49 12.15
C GLY A 59 -11.12 9.15 12.75
N PRO A 60 -10.97 9.63 14.01
CA PRO A 60 -12.06 10.29 14.73
C PRO A 60 -12.40 11.66 14.14
N SER A 61 -13.62 11.80 13.65
CA SER A 61 -14.06 13.06 13.05
C SER A 61 -14.77 13.93 14.08
N SER A 62 -14.02 14.39 15.08
CA SER A 62 -14.58 15.22 16.13
C SER A 62 -13.67 16.41 16.45
N GLY A 63 -13.28 17.14 15.40
CA GLY A 63 -12.41 18.28 15.58
C GLY A 63 -11.38 18.41 14.48
N GLY A 1 2.84 14.68 0.16
CA GLY A 1 2.51 13.99 -1.06
C GLY A 1 1.17 14.41 -1.63
N SER A 2 0.78 15.65 -1.38
CA SER A 2 -0.49 16.18 -1.86
C SER A 2 -0.47 16.35 -3.37
N SER A 3 0.70 16.70 -3.91
CA SER A 3 0.86 16.90 -5.34
C SER A 3 2.32 17.18 -5.70
N GLY A 4 2.97 16.21 -6.31
CA GLY A 4 4.36 16.36 -6.69
C GLY A 4 4.69 15.65 -7.99
N SER A 5 3.82 15.81 -8.99
CA SER A 5 4.03 15.18 -10.29
C SER A 5 4.19 13.67 -10.13
N SER A 6 3.38 13.07 -9.26
CA SER A 6 3.43 11.64 -9.01
C SER A 6 2.12 10.98 -9.42
N GLY A 7 2.09 10.45 -10.64
CA GLY A 7 0.89 9.78 -11.13
C GLY A 7 -0.24 10.76 -11.40
N ILE A 8 -1.04 10.47 -12.43
CA ILE A 8 -2.15 11.33 -12.79
C ILE A 8 -3.49 10.64 -12.52
N GLU A 9 -3.71 9.51 -13.18
CA GLU A 9 -4.95 8.75 -13.00
C GLU A 9 -4.72 7.55 -12.09
N LYS A 10 -3.82 6.67 -12.50
CA LYS A 10 -3.51 5.47 -11.73
C LYS A 10 -2.41 5.75 -10.72
N CYS A 11 -2.30 4.89 -9.71
CA CYS A 11 -1.28 5.04 -8.68
C CYS A 11 -0.99 3.71 -8.00
N TRP A 12 -2.04 3.05 -7.53
CA TRP A 12 -1.91 1.76 -6.85
C TRP A 12 -2.83 0.72 -7.47
N THR A 13 -2.29 -0.46 -7.75
CA THR A 13 -3.07 -1.54 -8.34
C THR A 13 -3.31 -2.66 -7.32
N GLU A 14 -4.29 -3.51 -7.62
CA GLU A 14 -4.61 -4.63 -6.74
C GLU A 14 -3.37 -5.45 -6.41
N ASP A 15 -2.55 -5.69 -7.43
CA ASP A 15 -1.33 -6.47 -7.25
C ASP A 15 -0.40 -5.80 -6.25
N GLU A 16 -0.12 -4.52 -6.48
CA GLU A 16 0.76 -3.76 -5.59
C GLU A 16 0.28 -3.85 -4.15
N VAL A 17 -1.00 -3.54 -3.93
CA VAL A 17 -1.58 -3.57 -2.60
C VAL A 17 -1.42 -4.96 -1.97
N LYS A 18 -1.85 -5.99 -2.69
CA LYS A 18 -1.75 -7.35 -2.21
C LYS A 18 -0.33 -7.67 -1.75
N ARG A 19 0.64 -7.30 -2.58
CA ARG A 19 2.04 -7.55 -2.26
C ARG A 19 2.45 -6.80 -0.99
N PHE A 20 2.12 -5.52 -0.92
CA PHE A 20 2.44 -4.70 0.24
C PHE A 20 1.97 -5.36 1.53
N VAL A 21 0.69 -5.73 1.56
CA VAL A 21 0.13 -6.37 2.73
C VAL A 21 0.83 -7.69 3.04
N LYS A 22 1.06 -8.48 1.99
CA LYS A 22 1.73 -9.77 2.15
C LYS A 22 3.09 -9.60 2.80
N GLY A 23 3.94 -8.78 2.19
CA GLY A 23 5.27 -8.55 2.72
C GLY A 23 5.23 -7.89 4.09
N LEU A 24 4.22 -7.07 4.32
CA LEU A 24 4.07 -6.37 5.60
C LEU A 24 3.76 -7.36 6.72
N ARG A 25 2.84 -8.27 6.46
CA ARG A 25 2.46 -9.27 7.45
C ARG A 25 3.50 -10.38 7.53
N GLN A 26 4.21 -10.61 6.43
CA GLN A 26 5.23 -11.64 6.38
C GLN A 26 6.50 -11.18 7.09
N TYR A 27 7.06 -10.07 6.61
CA TYR A 27 8.28 -9.53 7.20
C TYR A 27 7.98 -8.69 8.43
N GLY A 28 7.32 -7.55 8.22
CA GLY A 28 6.96 -6.67 9.32
C GLY A 28 7.27 -5.23 9.03
N LYS A 29 8.32 -4.71 9.66
CA LYS A 29 8.73 -3.32 9.47
C LYS A 29 10.10 -3.24 8.82
N ASN A 30 10.14 -3.27 7.49
CA ASN A 30 11.39 -3.20 6.75
C ASN A 30 11.13 -2.96 5.26
N PHE A 31 10.45 -1.86 4.95
CA PHE A 31 10.15 -1.53 3.58
C PHE A 31 11.41 -1.47 2.72
N PHE A 32 12.54 -1.20 3.37
CA PHE A 32 13.82 -1.11 2.69
C PHE A 32 14.06 -2.36 1.85
N ARG A 33 13.79 -3.52 2.44
CA ARG A 33 13.99 -4.79 1.75
C ARG A 33 12.68 -5.28 1.12
N ILE A 34 11.59 -5.16 1.87
CA ILE A 34 10.28 -5.59 1.38
C ILE A 34 9.97 -4.97 0.03
N ARG A 35 10.41 -3.73 -0.16
CA ARG A 35 10.19 -3.02 -1.41
C ARG A 35 11.08 -3.57 -2.52
N LYS A 36 12.36 -3.77 -2.20
CA LYS A 36 13.32 -4.29 -3.17
C LYS A 36 12.88 -5.64 -3.70
N GLU A 37 12.03 -6.33 -2.93
CA GLU A 37 11.53 -7.64 -3.34
C GLU A 37 10.13 -7.53 -3.92
N LEU A 38 9.34 -6.61 -3.39
CA LEU A 38 7.98 -6.41 -3.85
C LEU A 38 7.93 -5.41 -5.00
N LEU A 39 8.11 -4.13 -4.68
CA LEU A 39 8.10 -3.08 -5.69
C LEU A 39 9.44 -2.35 -5.71
N PRO A 40 10.46 -3.01 -6.27
CA PRO A 40 11.81 -2.44 -6.38
C PRO A 40 11.88 -1.30 -7.38
N ASN A 41 10.86 -1.20 -8.23
CA ASN A 41 10.81 -0.16 -9.25
C ASN A 41 9.84 0.95 -8.84
N LYS A 42 9.63 1.10 -7.53
CA LYS A 42 8.73 2.12 -7.01
C LYS A 42 9.46 3.04 -6.04
N GLU A 43 8.73 4.02 -5.51
CA GLU A 43 9.31 4.97 -4.56
C GLU A 43 8.84 4.68 -3.14
N THR A 44 9.75 4.84 -2.18
CA THR A 44 9.43 4.60 -0.78
C THR A 44 8.28 5.49 -0.31
N GLY A 45 8.19 6.68 -0.90
CA GLY A 45 7.15 7.61 -0.52
C GLY A 45 5.77 6.99 -0.59
N GLU A 46 5.54 6.17 -1.62
CA GLU A 46 4.26 5.51 -1.80
C GLU A 46 4.04 4.45 -0.72
N LEU A 47 5.05 3.64 -0.48
CA LEU A 47 4.96 2.58 0.52
C LEU A 47 4.71 3.17 1.91
N ILE A 48 5.53 4.15 2.29
CA ILE A 48 5.39 4.79 3.58
C ILE A 48 4.03 5.48 3.72
N THR A 49 3.74 6.38 2.77
CA THR A 49 2.47 7.10 2.78
C THR A 49 1.29 6.15 2.84
N PHE A 50 1.31 5.14 1.98
CA PHE A 50 0.24 4.15 1.94
C PHE A 50 0.10 3.43 3.28
N TYR A 51 1.23 3.10 3.89
CA TYR A 51 1.23 2.40 5.17
C TYR A 51 0.54 3.24 6.24
N TYR A 52 0.93 4.52 6.33
CA TYR A 52 0.36 5.43 7.32
C TYR A 52 -1.15 5.56 7.11
N TYR A 53 -1.54 5.88 5.88
CA TYR A 53 -2.96 6.05 5.55
C TYR A 53 -3.74 4.77 5.83
N TRP A 54 -3.26 3.66 5.27
CA TRP A 54 -3.92 2.37 5.47
C TRP A 54 -4.07 2.05 6.95
N LYS A 55 -3.07 2.42 7.73
CA LYS A 55 -3.09 2.18 9.17
C LYS A 55 -4.32 2.81 9.81
N LYS A 56 -4.61 4.04 9.42
CA LYS A 56 -5.77 4.75 9.94
C LYS A 56 -7.05 3.96 9.74
N THR A 57 -7.16 3.32 8.58
CA THR A 57 -8.34 2.52 8.25
C THR A 57 -8.57 1.44 9.30
N SER A 58 -9.70 1.56 10.01
CA SER A 58 -10.05 0.60 11.05
C SER A 58 -11.52 0.19 10.94
N GLY A 59 -11.86 -0.93 11.55
CA GLY A 59 -13.23 -1.41 11.52
C GLY A 59 -13.60 -2.02 10.18
N PRO A 60 -14.91 -2.25 9.98
CA PRO A 60 -15.42 -2.84 8.74
C PRO A 60 -15.29 -1.88 7.55
N SER A 61 -15.56 -2.39 6.34
CA SER A 61 -15.47 -1.59 5.14
C SER A 61 -16.76 -0.81 4.90
N SER A 62 -17.90 -1.48 5.10
CA SER A 62 -19.20 -0.85 4.90
C SER A 62 -19.99 -0.84 6.21
N GLY A 63 -20.43 -2.02 6.65
CA GLY A 63 -21.19 -2.12 7.87
C GLY A 63 -21.53 -3.55 8.24
N GLY A 1 5.20 16.59 -5.14
CA GLY A 1 3.85 17.07 -4.96
C GLY A 1 3.71 17.98 -3.75
N SER A 2 3.27 17.41 -2.63
CA SER A 2 3.09 18.18 -1.41
C SER A 2 2.21 19.40 -1.66
N SER A 3 1.10 19.19 -2.37
CA SER A 3 0.19 20.28 -2.68
C SER A 3 -1.26 19.80 -2.61
N GLY A 4 -1.61 18.86 -3.49
CA GLY A 4 -2.96 18.33 -3.51
C GLY A 4 -3.06 16.96 -2.88
N SER A 5 -4.23 16.35 -2.97
CA SER A 5 -4.46 15.02 -2.40
C SER A 5 -4.91 14.04 -3.48
N SER A 6 -5.70 14.53 -4.42
CA SER A 6 -6.20 13.69 -5.51
C SER A 6 -5.05 13.17 -6.37
N GLY A 7 -5.31 12.07 -7.08
CA GLY A 7 -4.30 11.49 -7.93
C GLY A 7 -4.89 10.75 -9.11
N ILE A 8 -4.50 11.17 -10.32
CA ILE A 8 -4.99 10.54 -11.54
C ILE A 8 -4.28 9.20 -11.80
N GLU A 9 -4.85 8.42 -12.70
CA GLU A 9 -4.27 7.12 -13.05
C GLU A 9 -4.25 6.19 -11.83
N LYS A 10 -4.04 4.91 -12.08
CA LYS A 10 -4.00 3.92 -11.01
C LYS A 10 -2.58 3.43 -10.77
N CYS A 11 -1.97 3.89 -9.68
CA CYS A 11 -0.61 3.49 -9.34
C CYS A 11 -0.61 2.30 -8.39
N TRP A 12 -1.54 2.30 -7.45
CA TRP A 12 -1.65 1.22 -6.47
C TRP A 12 -2.67 0.19 -6.92
N THR A 13 -2.28 -0.69 -7.84
CA THR A 13 -3.17 -1.72 -8.36
C THR A 13 -3.37 -2.83 -7.33
N GLU A 14 -4.27 -3.76 -7.64
CA GLU A 14 -4.54 -4.88 -6.74
C GLU A 14 -3.25 -5.64 -6.41
N ASP A 15 -2.43 -5.87 -7.42
CA ASP A 15 -1.17 -6.58 -7.23
C ASP A 15 -0.27 -5.85 -6.24
N GLU A 16 -0.12 -4.55 -6.44
CA GLU A 16 0.71 -3.74 -5.56
C GLU A 16 0.24 -3.85 -4.11
N VAL A 17 -1.04 -3.56 -3.88
CA VAL A 17 -1.61 -3.63 -2.54
C VAL A 17 -1.44 -5.02 -1.94
N LYS A 18 -1.83 -6.04 -2.70
CA LYS A 18 -1.72 -7.42 -2.25
C LYS A 18 -0.31 -7.73 -1.77
N ARG A 19 0.68 -7.41 -2.61
CA ARG A 19 2.07 -7.65 -2.28
C ARG A 19 2.46 -6.90 -1.00
N PHE A 20 2.09 -5.63 -0.94
CA PHE A 20 2.40 -4.80 0.22
C PHE A 20 1.96 -5.49 1.51
N VAL A 21 0.69 -5.90 1.54
CA VAL A 21 0.14 -6.56 2.72
C VAL A 21 0.85 -7.87 3.01
N LYS A 22 1.15 -8.62 1.94
CA LYS A 22 1.85 -9.89 2.07
C LYS A 22 3.22 -9.71 2.71
N GLY A 23 3.98 -8.75 2.21
CA GLY A 23 5.31 -8.49 2.73
C GLY A 23 5.26 -7.85 4.12
N LEU A 24 4.26 -7.01 4.35
CA LEU A 24 4.10 -6.35 5.64
C LEU A 24 3.77 -7.35 6.73
N ARG A 25 2.95 -8.34 6.40
CA ARG A 25 2.57 -9.37 7.36
C ARG A 25 3.62 -10.46 7.45
N GLN A 26 4.33 -10.68 6.36
CA GLN A 26 5.38 -11.69 6.30
C GLN A 26 6.64 -11.21 7.01
N TYR A 27 7.21 -10.11 6.52
CA TYR A 27 8.41 -9.55 7.10
C TYR A 27 8.09 -8.68 8.31
N GLY A 28 7.53 -7.50 8.06
CA GLY A 28 7.18 -6.60 9.14
C GLY A 28 7.53 -5.16 8.83
N LYS A 29 8.42 -4.58 9.64
CA LYS A 29 8.84 -3.20 9.44
C LYS A 29 10.20 -3.13 8.77
N ASN A 30 10.21 -3.26 7.45
CA ASN A 30 11.45 -3.21 6.69
C ASN A 30 11.18 -2.96 5.20
N PHE A 31 10.51 -1.85 4.92
CA PHE A 31 10.18 -1.48 3.55
C PHE A 31 11.44 -1.43 2.68
N PHE A 32 12.58 -1.17 3.32
CA PHE A 32 13.84 -1.10 2.60
C PHE A 32 14.07 -2.33 1.75
N ARG A 33 13.80 -3.51 2.33
CA ARG A 33 13.97 -4.77 1.62
C ARG A 33 12.64 -5.24 1.02
N ILE A 34 11.58 -5.13 1.80
CA ILE A 34 10.26 -5.55 1.35
C ILE A 34 9.90 -4.91 0.01
N ARG A 35 10.39 -3.69 -0.21
CA ARG A 35 10.14 -2.97 -1.45
C ARG A 35 11.00 -3.52 -2.59
N LYS A 36 12.28 -3.75 -2.29
CA LYS A 36 13.20 -4.27 -3.29
C LYS A 36 12.72 -5.62 -3.83
N GLU A 37 11.90 -6.29 -3.04
CA GLU A 37 11.37 -7.59 -3.44
C GLU A 37 9.95 -7.46 -3.99
N LEU A 38 9.18 -6.54 -3.43
CA LEU A 38 7.82 -6.30 -3.86
C LEU A 38 7.77 -5.29 -5.01
N LEU A 39 7.97 -4.03 -4.68
CA LEU A 39 7.94 -2.97 -5.68
C LEU A 39 9.30 -2.25 -5.73
N PRO A 40 10.30 -2.93 -6.31
CA PRO A 40 11.65 -2.38 -6.45
C PRO A 40 11.71 -1.22 -7.45
N ASN A 41 10.68 -1.11 -8.28
CA ASN A 41 10.61 -0.05 -9.28
C ASN A 41 9.98 1.20 -8.71
N LYS A 42 9.14 1.03 -7.69
CA LYS A 42 8.47 2.15 -7.05
C LYS A 42 9.39 2.81 -6.02
N GLU A 43 8.85 3.78 -5.29
CA GLU A 43 9.61 4.49 -4.27
C GLU A 43 9.05 4.22 -2.88
N THR A 44 9.85 4.50 -1.86
CA THR A 44 9.43 4.28 -0.48
C THR A 44 8.35 5.27 -0.07
N GLY A 45 8.35 6.43 -0.72
CA GLY A 45 7.35 7.45 -0.41
C GLY A 45 5.94 6.91 -0.46
N GLU A 46 5.63 6.17 -1.52
CA GLU A 46 4.29 5.60 -1.68
C GLU A 46 4.03 4.52 -0.64
N LEU A 47 5.02 3.66 -0.43
CA LEU A 47 4.90 2.57 0.54
C LEU A 47 4.61 3.12 1.94
N ILE A 48 5.48 4.03 2.40
CA ILE A 48 5.32 4.63 3.71
C ILE A 48 4.01 5.41 3.81
N THR A 49 3.82 6.35 2.91
CA THR A 49 2.61 7.16 2.89
C THR A 49 1.36 6.28 2.90
N PHE A 50 1.34 5.28 2.03
CA PHE A 50 0.20 4.37 1.94
C PHE A 50 0.00 3.63 3.26
N TYR A 51 1.10 3.21 3.88
CA TYR A 51 1.05 2.49 5.14
C TYR A 51 0.38 3.34 6.22
N TYR A 52 0.78 4.61 6.30
CA TYR A 52 0.22 5.52 7.29
C TYR A 52 -1.27 5.76 7.05
N TYR A 53 -1.60 6.17 5.83
CA TYR A 53 -2.98 6.42 5.46
C TYR A 53 -3.84 5.17 5.64
N TRP A 54 -3.25 4.01 5.37
CA TRP A 54 -3.95 2.74 5.50
C TRP A 54 -4.18 2.39 6.96
N LYS A 55 -3.15 2.61 7.78
CA LYS A 55 -3.24 2.31 9.22
C LYS A 55 -4.36 3.12 9.87
N LYS A 56 -4.49 4.37 9.45
CA LYS A 56 -5.53 5.24 10.00
C LYS A 56 -6.92 4.65 9.79
N THR A 57 -7.29 4.46 8.53
CA THR A 57 -8.59 3.89 8.19
C THR A 57 -8.61 2.39 8.44
N SER A 58 -9.42 1.96 9.40
CA SER A 58 -9.53 0.54 9.72
C SER A 58 -10.96 0.18 10.11
N GLY A 59 -11.92 0.63 9.32
CA GLY A 59 -13.32 0.35 9.59
C GLY A 59 -14.12 0.14 8.32
N PRO A 60 -15.42 -0.14 8.49
CA PRO A 60 -16.33 -0.37 7.36
C PRO A 60 -16.61 0.91 6.58
N SER A 61 -16.35 2.05 7.20
CA SER A 61 -16.58 3.33 6.55
C SER A 61 -15.39 3.72 5.67
N SER A 62 -15.54 4.82 4.94
CA SER A 62 -14.48 5.30 4.06
C SER A 62 -14.43 6.82 4.04
N GLY A 63 -15.54 7.44 3.66
CA GLY A 63 -15.60 8.89 3.61
C GLY A 63 -14.66 9.47 2.58
N GLY A 1 -9.61 -10.52 5.37
CA GLY A 1 -10.75 -10.02 4.64
C GLY A 1 -10.43 -8.82 3.78
N SER A 2 -10.11 -9.06 2.51
CA SER A 2 -9.77 -7.99 1.59
C SER A 2 -10.62 -8.06 0.33
N SER A 3 -11.93 -7.86 0.49
CA SER A 3 -12.85 -7.91 -0.63
C SER A 3 -13.00 -6.53 -1.27
N GLY A 4 -11.87 -5.89 -1.56
CA GLY A 4 -11.89 -4.57 -2.16
C GLY A 4 -12.12 -4.63 -3.66
N SER A 5 -13.38 -4.62 -4.07
CA SER A 5 -13.73 -4.67 -5.48
C SER A 5 -13.00 -3.59 -6.26
N SER A 6 -12.12 -4.01 -7.16
CA SER A 6 -11.34 -3.07 -7.97
C SER A 6 -10.70 -3.78 -9.17
N GLY A 7 -9.92 -3.04 -9.94
CA GLY A 7 -9.26 -3.61 -11.09
C GLY A 7 -8.76 -2.56 -12.05
N ILE A 8 -7.48 -2.22 -11.95
CA ILE A 8 -6.88 -1.21 -12.81
C ILE A 8 -7.63 0.12 -12.72
N GLU A 9 -7.29 0.91 -11.71
CA GLU A 9 -7.93 2.21 -11.51
C GLU A 9 -6.99 3.34 -11.91
N LYS A 10 -5.91 3.51 -11.14
CA LYS A 10 -4.94 4.57 -11.42
C LYS A 10 -3.63 4.28 -10.70
N CYS A 11 -3.64 4.46 -9.38
CA CYS A 11 -2.44 4.22 -8.57
C CYS A 11 -2.63 3.02 -7.66
N TRP A 12 -1.54 2.35 -7.33
CA TRP A 12 -1.58 1.18 -6.46
C TRP A 12 -2.50 0.12 -7.03
N THR A 13 -1.97 -0.71 -7.92
CA THR A 13 -2.74 -1.77 -8.55
C THR A 13 -2.99 -2.92 -7.57
N GLU A 14 -3.83 -3.87 -7.99
CA GLU A 14 -4.14 -5.02 -7.16
C GLU A 14 -2.87 -5.73 -6.68
N ASP A 15 -1.98 -6.02 -7.62
CA ASP A 15 -0.72 -6.69 -7.30
C ASP A 15 0.08 -5.89 -6.28
N GLU A 16 0.17 -4.58 -6.51
CA GLU A 16 0.91 -3.70 -5.61
C GLU A 16 0.32 -3.74 -4.21
N VAL A 17 -1.02 -3.74 -4.14
CA VAL A 17 -1.71 -3.78 -2.86
C VAL A 17 -1.50 -5.11 -2.15
N LYS A 18 -1.94 -6.18 -2.79
CA LYS A 18 -1.81 -7.52 -2.21
C LYS A 18 -0.35 -7.78 -1.79
N ARG A 19 0.59 -7.25 -2.57
CA ARG A 19 2.00 -7.42 -2.28
C ARG A 19 2.40 -6.66 -1.02
N PHE A 20 2.10 -5.37 -1.00
CA PHE A 20 2.42 -4.53 0.14
C PHE A 20 1.91 -5.15 1.44
N VAL A 21 0.66 -5.61 1.41
CA VAL A 21 0.05 -6.22 2.58
C VAL A 21 0.75 -7.53 2.95
N LYS A 22 0.90 -8.40 1.97
CA LYS A 22 1.56 -9.69 2.19
C LYS A 22 2.95 -9.49 2.78
N GLY A 23 3.70 -8.54 2.23
CA GLY A 23 5.03 -8.27 2.73
C GLY A 23 5.03 -7.66 4.10
N LEU A 24 4.08 -6.77 4.35
CA LEU A 24 3.97 -6.10 5.64
C LEU A 24 3.61 -7.09 6.74
N ARG A 25 2.84 -8.12 6.38
CA ARG A 25 2.42 -9.13 7.34
C ARG A 25 3.45 -10.25 7.43
N GLN A 26 4.20 -10.44 6.35
CA GLN A 26 5.24 -11.47 6.31
C GLN A 26 6.52 -11.00 6.99
N TYR A 27 7.08 -9.92 6.47
CA TYR A 27 8.31 -9.36 7.03
C TYR A 27 8.02 -8.47 8.24
N GLY A 28 7.48 -7.28 7.97
CA GLY A 28 7.15 -6.36 9.04
C GLY A 28 7.46 -4.92 8.67
N LYS A 29 8.27 -4.26 9.50
CA LYS A 29 8.63 -2.87 9.25
C LYS A 29 9.98 -2.78 8.57
N ASN A 30 10.10 -3.43 7.41
CA ASN A 30 11.34 -3.41 6.65
C ASN A 30 11.08 -3.12 5.17
N PHE A 31 10.38 -2.02 4.90
CA PHE A 31 10.06 -1.64 3.54
C PHE A 31 11.32 -1.57 2.67
N PHE A 32 12.45 -1.30 3.31
CA PHE A 32 13.72 -1.22 2.60
C PHE A 32 13.96 -2.46 1.77
N ARG A 33 13.75 -3.62 2.37
CA ARG A 33 13.94 -4.90 1.68
C ARG A 33 12.65 -5.38 1.04
N ILE A 34 11.55 -5.27 1.78
CA ILE A 34 10.25 -5.68 1.29
C ILE A 34 9.94 -5.05 -0.06
N ARG A 35 10.38 -3.81 -0.24
CA ARG A 35 10.16 -3.10 -1.49
C ARG A 35 11.08 -3.63 -2.60
N LYS A 36 12.35 -3.81 -2.26
CA LYS A 36 13.33 -4.32 -3.22
C LYS A 36 12.90 -5.67 -3.76
N GLU A 37 12.06 -6.38 -3.01
CA GLU A 37 11.58 -7.69 -3.42
C GLU A 37 10.18 -7.59 -4.02
N LEU A 38 9.37 -6.69 -3.49
CA LEU A 38 8.01 -6.49 -3.98
C LEU A 38 7.99 -5.49 -5.12
N LEU A 39 8.13 -4.21 -4.78
CA LEU A 39 8.13 -3.15 -5.78
C LEU A 39 9.46 -2.41 -5.80
N PRO A 40 10.49 -3.07 -6.36
CA PRO A 40 11.83 -2.49 -6.45
C PRO A 40 11.90 -1.34 -7.45
N ASN A 41 10.89 -1.25 -8.31
CA ASN A 41 10.83 -0.19 -9.31
C ASN A 41 9.85 0.90 -8.90
N LYS A 42 9.63 1.05 -7.60
CA LYS A 42 8.72 2.05 -7.08
C LYS A 42 9.43 2.99 -6.12
N GLU A 43 8.69 3.94 -5.56
CA GLU A 43 9.26 4.90 -4.63
C GLU A 43 8.79 4.61 -3.20
N THR A 44 9.69 4.80 -2.25
CA THR A 44 9.38 4.56 -0.84
C THR A 44 8.25 5.46 -0.37
N GLY A 45 8.15 6.65 -0.97
CA GLY A 45 7.11 7.58 -0.60
C GLY A 45 5.73 6.96 -0.61
N GLU A 46 5.48 6.11 -1.62
CA GLU A 46 4.19 5.45 -1.74
C GLU A 46 3.99 4.43 -0.63
N LEU A 47 4.95 3.54 -0.47
CA LEU A 47 4.89 2.51 0.56
C LEU A 47 4.64 3.12 1.93
N ILE A 48 5.42 4.14 2.27
CA ILE A 48 5.28 4.82 3.55
C ILE A 48 3.92 5.49 3.67
N THR A 49 3.61 6.37 2.73
CA THR A 49 2.34 7.08 2.73
C THR A 49 1.17 6.11 2.86
N PHE A 50 1.24 5.01 2.12
CA PHE A 50 0.17 4.00 2.15
C PHE A 50 0.09 3.35 3.53
N TYR A 51 1.24 3.02 4.10
CA TYR A 51 1.30 2.39 5.42
C TYR A 51 0.62 3.26 6.47
N TYR A 52 0.95 4.55 6.46
CA TYR A 52 0.37 5.49 7.41
C TYR A 52 -1.13 5.66 7.18
N TYR A 53 -1.49 5.94 5.93
CA TYR A 53 -2.90 6.13 5.56
C TYR A 53 -3.71 4.89 5.90
N TRP A 54 -3.09 3.73 5.76
CA TRP A 54 -3.77 2.46 6.05
C TRP A 54 -3.96 2.28 7.56
N LYS A 55 -2.91 2.54 8.32
CA LYS A 55 -2.97 2.41 9.77
C LYS A 55 -4.04 3.32 10.36
N LYS A 56 -4.29 4.44 9.68
CA LYS A 56 -5.30 5.39 10.15
C LYS A 56 -6.67 5.03 9.59
N THR A 57 -6.82 5.10 8.27
CA THR A 57 -8.08 4.79 7.62
C THR A 57 -8.04 3.40 6.99
N SER A 58 -9.20 2.76 6.92
CA SER A 58 -9.29 1.42 6.33
C SER A 58 -10.40 1.37 5.28
N GLY A 59 -10.28 0.42 4.35
CA GLY A 59 -11.26 0.28 3.30
C GLY A 59 -12.51 -0.44 3.78
N PRO A 60 -13.56 -0.41 2.94
CA PRO A 60 -14.85 -1.06 3.25
C PRO A 60 -14.74 -2.58 3.23
N SER A 61 -15.10 -3.21 4.35
CA SER A 61 -15.05 -4.66 4.44
C SER A 61 -16.43 -5.23 4.78
N SER A 62 -16.66 -6.48 4.37
CA SER A 62 -17.93 -7.14 4.63
C SER A 62 -17.74 -8.36 5.52
N GLY A 63 -17.78 -8.14 6.83
CA GLY A 63 -17.60 -9.23 7.77
C GLY A 63 -18.82 -10.13 7.84
N GLY A 1 -21.69 21.33 -25.86
CA GLY A 1 -21.27 20.39 -24.84
C GLY A 1 -20.23 19.41 -25.35
N SER A 2 -19.54 18.76 -24.43
CA SER A 2 -18.50 17.79 -24.79
C SER A 2 -17.88 17.16 -23.55
N SER A 3 -17.92 15.84 -23.49
CA SER A 3 -17.36 15.11 -22.35
C SER A 3 -17.15 13.64 -22.70
N GLY A 4 -15.87 13.25 -22.78
CA GLY A 4 -15.55 11.86 -23.11
C GLY A 4 -15.09 11.08 -21.90
N SER A 5 -13.93 10.43 -22.02
CA SER A 5 -13.39 9.62 -20.94
C SER A 5 -11.96 9.20 -21.24
N SER A 6 -11.32 8.56 -20.27
CA SER A 6 -9.95 8.10 -20.43
C SER A 6 -9.63 6.96 -19.46
N GLY A 7 -10.03 7.12 -18.21
CA GLY A 7 -9.79 6.11 -17.21
C GLY A 7 -9.44 6.69 -15.85
N ILE A 8 -10.35 6.55 -14.91
CA ILE A 8 -10.13 7.07 -13.56
C ILE A 8 -9.39 6.05 -12.69
N GLU A 9 -8.21 6.44 -12.22
CA GLU A 9 -7.41 5.56 -11.37
C GLU A 9 -6.74 6.35 -10.25
N LYS A 10 -6.57 5.70 -9.11
CA LYS A 10 -5.94 6.34 -7.95
C LYS A 10 -4.61 5.68 -7.63
N CYS A 11 -3.92 5.19 -8.66
CA CYS A 11 -2.63 4.54 -8.48
C CYS A 11 -2.75 3.35 -7.54
N TRP A 12 -1.62 2.70 -7.28
CA TRP A 12 -1.60 1.54 -6.39
C TRP A 12 -2.58 0.47 -6.88
N THR A 13 -2.14 -0.34 -7.84
CA THR A 13 -2.97 -1.40 -8.39
C THR A 13 -3.21 -2.49 -7.36
N GLU A 14 -4.09 -3.44 -7.69
CA GLU A 14 -4.41 -4.55 -6.80
C GLU A 14 -3.15 -5.34 -6.45
N ASP A 15 -2.34 -5.64 -7.46
CA ASP A 15 -1.10 -6.39 -7.24
C ASP A 15 -0.20 -5.68 -6.23
N GLU A 16 -0.07 -4.37 -6.37
CA GLU A 16 0.77 -3.59 -5.47
C GLU A 16 0.27 -3.71 -4.03
N VAL A 17 -0.98 -3.32 -3.81
CA VAL A 17 -1.58 -3.40 -2.47
C VAL A 17 -1.44 -4.79 -1.89
N LYS A 18 -1.86 -5.80 -2.64
CA LYS A 18 -1.79 -7.18 -2.20
C LYS A 18 -0.38 -7.53 -1.73
N ARG A 19 0.61 -7.27 -2.59
CA ARG A 19 1.99 -7.56 -2.27
C ARG A 19 2.42 -6.82 -1.00
N PHE A 20 2.08 -5.54 -0.93
CA PHE A 20 2.43 -4.72 0.23
C PHE A 20 1.98 -5.39 1.53
N VAL A 21 0.70 -5.70 1.60
CA VAL A 21 0.14 -6.36 2.79
C VAL A 21 0.84 -7.67 3.07
N LYS A 22 1.05 -8.46 2.02
CA LYS A 22 1.72 -9.75 2.16
C LYS A 22 3.10 -9.59 2.80
N GLY A 23 3.98 -8.87 2.12
CA GLY A 23 5.32 -8.65 2.63
C GLY A 23 5.31 -7.99 4.00
N LEU A 24 4.29 -7.18 4.26
CA LEU A 24 4.16 -6.48 5.54
C LEU A 24 3.98 -7.47 6.68
N ARG A 25 2.91 -8.25 6.62
CA ARG A 25 2.62 -9.24 7.66
C ARG A 25 3.65 -10.37 7.63
N GLN A 26 4.23 -10.59 6.46
CA GLN A 26 5.24 -11.64 6.30
C GLN A 26 6.52 -11.28 7.03
N TYR A 27 7.08 -10.13 6.71
CA TYR A 27 8.32 -9.67 7.33
C TYR A 27 8.03 -8.73 8.50
N GLY A 28 7.62 -7.51 8.18
CA GLY A 28 7.30 -6.54 9.22
C GLY A 28 7.67 -5.12 8.80
N LYS A 29 8.29 -4.38 9.72
CA LYS A 29 8.69 -3.01 9.44
C LYS A 29 10.07 -2.97 8.78
N ASN A 30 10.11 -3.36 7.51
CA ASN A 30 11.37 -3.36 6.75
C ASN A 30 11.11 -3.10 5.28
N PHE A 31 10.42 -2.00 5.00
CA PHE A 31 10.11 -1.63 3.62
C PHE A 31 11.37 -1.53 2.78
N PHE A 32 12.49 -1.25 3.44
CA PHE A 32 13.78 -1.14 2.75
C PHE A 32 14.04 -2.37 1.88
N ARG A 33 13.78 -3.54 2.45
CA ARG A 33 13.99 -4.80 1.73
C ARG A 33 12.69 -5.29 1.10
N ILE A 34 11.61 -5.21 1.84
CA ILE A 34 10.31 -5.65 1.35
C ILE A 34 9.98 -4.99 0.01
N ARG A 35 10.44 -3.76 -0.16
CA ARG A 35 10.19 -3.02 -1.40
C ARG A 35 11.06 -3.57 -2.53
N LYS A 36 12.34 -3.79 -2.23
CA LYS A 36 13.28 -4.30 -3.22
C LYS A 36 12.81 -5.65 -3.77
N GLU A 37 11.97 -6.33 -3.00
CA GLU A 37 11.45 -7.63 -3.40
C GLU A 37 10.04 -7.50 -3.98
N LEU A 38 9.26 -6.58 -3.42
CA LEU A 38 7.90 -6.34 -3.87
C LEU A 38 7.87 -5.32 -5.01
N LEU A 39 8.05 -4.06 -4.67
CA LEU A 39 8.05 -2.98 -5.65
C LEU A 39 9.40 -2.28 -5.69
N PRO A 40 10.41 -2.94 -6.26
CA PRO A 40 11.76 -2.39 -6.38
C PRO A 40 11.84 -1.24 -7.37
N ASN A 41 10.81 -1.11 -8.20
CA ASN A 41 10.75 -0.05 -9.20
C ASN A 41 10.02 1.17 -8.66
N LYS A 42 9.12 0.94 -7.70
CA LYS A 42 8.36 2.02 -7.09
C LYS A 42 9.24 2.84 -6.15
N GLU A 43 8.61 3.81 -5.48
CA GLU A 43 9.33 4.67 -4.54
C GLU A 43 8.87 4.43 -3.11
N THR A 44 9.74 4.71 -2.16
CA THR A 44 9.42 4.53 -0.74
C THR A 44 8.27 5.43 -0.32
N GLY A 45 8.17 6.60 -0.95
CA GLY A 45 7.11 7.53 -0.62
C GLY A 45 5.74 6.89 -0.69
N GLU A 46 5.53 6.05 -1.70
CA GLU A 46 4.24 5.37 -1.87
C GLU A 46 4.02 4.35 -0.77
N LEU A 47 5.04 3.54 -0.51
CA LEU A 47 4.95 2.50 0.52
C LEU A 47 4.69 3.13 1.89
N ILE A 48 5.48 4.14 2.24
CA ILE A 48 5.32 4.82 3.52
C ILE A 48 3.95 5.48 3.63
N THR A 49 3.65 6.38 2.69
CA THR A 49 2.38 7.08 2.67
C THR A 49 1.21 6.10 2.73
N PHE A 50 1.29 5.04 1.93
CA PHE A 50 0.24 4.04 1.89
C PHE A 50 0.08 3.37 3.25
N TYR A 51 1.19 3.04 3.89
CA TYR A 51 1.17 2.39 5.19
C TYR A 51 0.47 3.27 6.22
N TYR A 52 0.85 4.55 6.26
CA TYR A 52 0.25 5.49 7.20
C TYR A 52 -1.25 5.63 6.97
N TYR A 53 -1.62 5.92 5.73
CA TYR A 53 -3.02 6.08 5.36
C TYR A 53 -3.80 4.81 5.64
N TRP A 54 -3.15 3.67 5.44
CA TRP A 54 -3.79 2.37 5.67
C TRP A 54 -4.09 2.18 7.16
N LYS A 55 -3.09 2.39 8.00
CA LYS A 55 -3.26 2.23 9.44
C LYS A 55 -4.23 3.27 9.99
N LYS A 56 -4.24 4.46 9.39
CA LYS A 56 -5.13 5.52 9.81
C LYS A 56 -6.58 5.08 9.75
N THR A 57 -7.01 4.60 8.59
CA THR A 57 -8.38 4.14 8.40
C THR A 57 -8.45 2.61 8.40
N SER A 58 -8.60 2.03 9.59
CA SER A 58 -8.68 0.58 9.72
C SER A 58 -9.19 0.19 11.10
N GLY A 59 -9.85 -0.95 11.17
CA GLY A 59 -10.38 -1.43 12.44
C GLY A 59 -11.88 -1.21 12.56
N PRO A 60 -12.48 -1.74 13.63
CA PRO A 60 -13.92 -1.62 13.88
C PRO A 60 -14.33 -0.19 14.23
N SER A 61 -14.60 0.61 13.21
CA SER A 61 -15.00 2.01 13.42
C SER A 61 -15.57 2.60 12.14
N SER A 62 -16.08 3.83 12.24
CA SER A 62 -16.65 4.51 11.09
C SER A 62 -15.81 5.71 10.69
N GLY A 63 -15.28 5.68 9.47
CA GLY A 63 -14.45 6.78 8.99
C GLY A 63 -13.74 6.44 7.70
N GLY A 1 -18.54 -1.32 8.30
CA GLY A 1 -17.94 -0.14 7.68
C GLY A 1 -18.65 0.26 6.40
N SER A 2 -18.85 1.57 6.23
CA SER A 2 -19.52 2.08 5.04
C SER A 2 -18.53 2.33 3.91
N SER A 3 -19.04 2.37 2.69
CA SER A 3 -18.19 2.60 1.52
C SER A 3 -18.83 3.61 0.57
N GLY A 4 -18.03 4.54 0.06
CA GLY A 4 -18.54 5.54 -0.85
C GLY A 4 -17.48 6.02 -1.83
N SER A 5 -16.54 5.15 -2.16
CA SER A 5 -15.46 5.50 -3.08
C SER A 5 -14.86 4.24 -3.70
N SER A 6 -14.45 4.35 -4.96
CA SER A 6 -13.86 3.22 -5.67
C SER A 6 -13.34 3.66 -7.04
N GLY A 7 -12.33 4.54 -7.03
CA GLY A 7 -11.77 5.02 -8.27
C GLY A 7 -11.14 6.39 -8.13
N ILE A 8 -11.48 7.29 -9.05
CA ILE A 8 -10.94 8.65 -9.02
C ILE A 8 -9.41 8.63 -9.00
N GLU A 9 -8.81 8.64 -10.19
CA GLU A 9 -7.36 8.63 -10.30
C GLU A 9 -6.76 7.41 -9.62
N LYS A 10 -6.51 6.37 -10.41
CA LYS A 10 -5.94 5.13 -9.89
C LYS A 10 -4.43 5.24 -9.74
N CYS A 11 -3.88 4.58 -8.73
CA CYS A 11 -2.44 4.61 -8.49
C CYS A 11 -1.94 3.25 -8.02
N TRP A 12 -2.56 2.73 -6.96
CA TRP A 12 -2.18 1.43 -6.41
C TRP A 12 -3.03 0.32 -7.01
N THR A 13 -2.39 -0.54 -7.79
CA THR A 13 -3.07 -1.65 -8.43
C THR A 13 -3.31 -2.79 -7.45
N GLU A 14 -4.20 -3.70 -7.80
CA GLU A 14 -4.53 -4.85 -6.95
C GLU A 14 -3.26 -5.62 -6.59
N ASP A 15 -2.39 -5.80 -7.58
CA ASP A 15 -1.15 -6.53 -7.37
C ASP A 15 -0.28 -5.85 -6.32
N GLU A 16 0.00 -4.57 -6.53
CA GLU A 16 0.81 -3.79 -5.59
C GLU A 16 0.27 -3.92 -4.17
N VAL A 17 -0.99 -3.55 -3.99
CA VAL A 17 -1.63 -3.61 -2.68
C VAL A 17 -1.45 -5.00 -2.07
N LYS A 18 -1.86 -6.03 -2.80
CA LYS A 18 -1.75 -7.40 -2.32
C LYS A 18 -0.32 -7.70 -1.85
N ARG A 19 0.66 -7.33 -2.66
CA ARG A 19 2.06 -7.57 -2.32
C ARG A 19 2.44 -6.82 -1.05
N PHE A 20 2.07 -5.54 -0.98
CA PHE A 20 2.36 -4.71 0.18
C PHE A 20 1.89 -5.39 1.47
N VAL A 21 0.62 -5.76 1.51
CA VAL A 21 0.05 -6.42 2.67
C VAL A 21 0.78 -7.72 2.98
N LYS A 22 1.02 -8.51 1.94
CA LYS A 22 1.72 -9.79 2.11
C LYS A 22 3.06 -9.59 2.79
N GLY A 23 3.96 -8.88 2.13
CA GLY A 23 5.28 -8.63 2.69
C GLY A 23 5.21 -7.94 4.04
N LEU A 24 4.18 -7.12 4.23
CA LEU A 24 4.00 -6.39 5.48
C LEU A 24 3.67 -7.35 6.62
N ARG A 25 2.89 -8.37 6.31
CA ARG A 25 2.49 -9.36 7.31
C ARG A 25 3.57 -10.42 7.48
N GLN A 26 4.28 -10.72 6.40
CA GLN A 26 5.34 -11.72 6.42
C GLN A 26 6.59 -11.17 7.09
N TYR A 27 7.13 -10.08 6.53
CA TYR A 27 8.33 -9.46 7.08
C TYR A 27 7.99 -8.58 8.28
N GLY A 28 7.39 -7.43 8.03
CA GLY A 28 7.03 -6.53 9.10
C GLY A 28 7.39 -5.08 8.79
N LYS A 29 8.18 -4.48 9.66
CA LYS A 29 8.59 -3.08 9.48
C LYS A 29 9.96 -3.01 8.82
N ASN A 30 10.01 -3.29 7.52
CA ASN A 30 11.26 -3.25 6.77
C ASN A 30 11.00 -3.00 5.29
N PHE A 31 10.28 -1.92 4.99
CA PHE A 31 9.96 -1.58 3.61
C PHE A 31 11.22 -1.48 2.77
N PHE A 32 12.33 -1.15 3.42
CA PHE A 32 13.62 -1.02 2.74
C PHE A 32 13.90 -2.27 1.90
N ARG A 33 13.71 -3.44 2.49
CA ARG A 33 13.96 -4.70 1.81
C ARG A 33 12.68 -5.23 1.17
N ILE A 34 11.58 -5.15 1.90
CA ILE A 34 10.29 -5.62 1.40
C ILE A 34 9.97 -5.00 0.04
N ARG A 35 10.42 -3.77 -0.16
CA ARG A 35 10.18 -3.06 -1.41
C ARG A 35 11.09 -3.61 -2.52
N LYS A 36 12.36 -3.79 -2.20
CA LYS A 36 13.33 -4.31 -3.16
C LYS A 36 12.89 -5.68 -3.68
N GLU A 37 12.06 -6.37 -2.92
CA GLU A 37 11.57 -7.68 -3.30
C GLU A 37 10.18 -7.59 -3.90
N LEU A 38 9.37 -6.68 -3.37
CA LEU A 38 8.01 -6.49 -3.86
C LEU A 38 7.97 -5.50 -5.02
N LEU A 39 8.12 -4.22 -4.70
CA LEU A 39 8.12 -3.17 -5.70
C LEU A 39 9.45 -2.42 -5.73
N PRO A 40 10.49 -3.07 -6.26
CA PRO A 40 11.82 -2.49 -6.37
C PRO A 40 11.89 -1.35 -7.38
N ASN A 41 10.87 -1.27 -8.23
CA ASN A 41 10.81 -0.22 -9.25
C ASN A 41 10.09 1.01 -8.72
N LYS A 42 9.21 0.81 -7.75
CA LYS A 42 8.45 1.90 -7.15
C LYS A 42 9.32 2.69 -6.18
N GLU A 43 8.70 3.67 -5.51
CA GLU A 43 9.42 4.50 -4.56
C GLU A 43 8.96 4.21 -3.12
N THR A 44 9.69 4.75 -2.16
CA THR A 44 9.37 4.55 -0.76
C THR A 44 8.24 5.46 -0.31
N GLY A 45 8.14 6.63 -0.94
CA GLY A 45 7.10 7.58 -0.61
C GLY A 45 5.72 6.96 -0.64
N GLU A 46 5.46 6.14 -1.67
CA GLU A 46 4.17 5.48 -1.81
C GLU A 46 3.96 4.44 -0.72
N LEU A 47 4.96 3.60 -0.52
CA LEU A 47 4.89 2.55 0.49
C LEU A 47 4.66 3.14 1.88
N ILE A 48 5.49 4.11 2.25
CA ILE A 48 5.36 4.77 3.55
C ILE A 48 4.03 5.48 3.68
N THR A 49 3.76 6.41 2.76
CA THR A 49 2.52 7.16 2.78
C THR A 49 1.31 6.22 2.85
N PHE A 50 1.34 5.17 2.04
CA PHE A 50 0.25 4.20 2.02
C PHE A 50 0.09 3.51 3.36
N TYR A 51 1.22 3.15 3.97
CA TYR A 51 1.21 2.49 5.27
C TYR A 51 0.56 3.37 6.33
N TYR A 52 0.93 4.64 6.33
CA TYR A 52 0.39 5.59 7.30
C TYR A 52 -1.12 5.76 7.11
N TYR A 53 -1.53 6.04 5.87
CA TYR A 53 -2.93 6.23 5.55
C TYR A 53 -3.72 4.94 5.79
N TRP A 54 -3.05 3.81 5.64
CA TRP A 54 -3.69 2.51 5.84
C TRP A 54 -3.87 2.21 7.34
N LYS A 55 -2.90 2.64 8.14
CA LYS A 55 -2.97 2.42 9.58
C LYS A 55 -4.16 3.16 10.19
N LYS A 56 -4.45 4.34 9.66
CA LYS A 56 -5.57 5.14 10.15
C LYS A 56 -6.88 4.37 10.05
N THR A 57 -7.35 4.19 8.81
CA THR A 57 -8.60 3.46 8.58
C THR A 57 -8.77 3.12 7.10
N SER A 58 -7.65 2.85 6.43
CA SER A 58 -7.67 2.51 5.01
C SER A 58 -8.31 3.63 4.20
N GLY A 59 -8.51 3.37 2.91
CA GLY A 59 -9.11 4.37 2.04
C GLY A 59 -8.12 4.95 1.05
N PRO A 60 -8.62 5.78 0.13
CA PRO A 60 -7.79 6.41 -0.90
C PRO A 60 -6.84 7.46 -0.32
N SER A 61 -5.75 7.74 -1.03
CA SER A 61 -4.77 8.71 -0.59
C SER A 61 -4.53 9.77 -1.66
N SER A 62 -3.62 10.70 -1.37
CA SER A 62 -3.29 11.75 -2.31
C SER A 62 -1.90 11.55 -2.91
N GLY A 63 -1.68 10.39 -3.51
CA GLY A 63 -0.40 10.08 -4.10
C GLY A 63 0.42 9.13 -3.26
N GLY A 1 -19.14 -0.08 -7.74
CA GLY A 1 -19.64 0.97 -8.60
C GLY A 1 -18.87 2.27 -8.44
N SER A 2 -18.64 2.95 -9.55
CA SER A 2 -17.89 4.21 -9.54
C SER A 2 -18.49 5.18 -8.53
N SER A 3 -17.66 6.09 -8.03
CA SER A 3 -18.12 7.08 -7.05
C SER A 3 -17.16 8.28 -7.02
N GLY A 4 -16.73 8.71 -8.19
CA GLY A 4 -15.82 9.84 -8.27
C GLY A 4 -14.97 9.81 -9.52
N SER A 5 -14.53 10.98 -9.98
CA SER A 5 -13.70 11.09 -11.17
C SER A 5 -12.31 11.59 -10.83
N SER A 6 -11.35 10.67 -10.76
CA SER A 6 -9.98 11.02 -10.43
C SER A 6 -9.08 9.79 -10.47
N GLY A 7 -9.51 8.72 -9.80
CA GLY A 7 -8.74 7.49 -9.78
C GLY A 7 -8.98 6.69 -8.51
N ILE A 8 -9.82 5.67 -8.61
CA ILE A 8 -10.14 4.82 -7.47
C ILE A 8 -8.99 3.86 -7.17
N GLU A 9 -8.21 3.55 -8.19
CA GLU A 9 -7.08 2.63 -8.04
C GLU A 9 -6.04 2.88 -9.13
N LYS A 10 -5.64 4.15 -9.29
CA LYS A 10 -4.64 4.52 -10.29
C LYS A 10 -3.24 4.53 -9.69
N CYS A 11 -3.11 5.15 -8.52
CA CYS A 11 -1.83 5.23 -7.83
C CYS A 11 -1.37 3.84 -7.40
N TRP A 12 -2.29 3.06 -6.85
CA TRP A 12 -1.97 1.71 -6.39
C TRP A 12 -2.90 0.69 -7.02
N THR A 13 -2.32 -0.40 -7.54
CA THR A 13 -3.10 -1.45 -8.17
C THR A 13 -3.35 -2.60 -7.21
N GLU A 14 -4.25 -3.51 -7.60
CA GLU A 14 -4.57 -4.66 -6.77
C GLU A 14 -3.31 -5.49 -6.48
N ASP A 15 -2.50 -5.70 -7.49
CA ASP A 15 -1.28 -6.48 -7.35
C ASP A 15 -0.35 -5.84 -6.32
N GLU A 16 -0.05 -4.57 -6.52
CA GLU A 16 0.83 -3.84 -5.60
C GLU A 16 0.32 -3.94 -4.17
N VAL A 17 -0.94 -3.60 -3.96
CA VAL A 17 -1.55 -3.66 -2.63
C VAL A 17 -1.40 -5.05 -2.03
N LYS A 18 -1.79 -6.06 -2.79
CA LYS A 18 -1.70 -7.45 -2.33
C LYS A 18 -0.29 -7.76 -1.81
N ARG A 19 0.71 -7.46 -2.63
CA ARG A 19 2.09 -7.70 -2.25
C ARG A 19 2.47 -6.92 -1.00
N PHE A 20 2.09 -5.65 -0.97
CA PHE A 20 2.38 -4.79 0.18
C PHE A 20 1.93 -5.45 1.48
N VAL A 21 0.65 -5.83 1.53
CA VAL A 21 0.10 -6.47 2.72
C VAL A 21 0.82 -7.77 3.03
N LYS A 22 1.03 -8.58 2.00
CA LYS A 22 1.70 -9.87 2.16
C LYS A 22 3.07 -9.68 2.81
N GLY A 23 3.94 -8.93 2.14
CA GLY A 23 5.27 -8.68 2.66
C GLY A 23 5.25 -8.01 4.02
N LEU A 24 4.24 -7.18 4.24
CA LEU A 24 4.11 -6.46 5.50
C LEU A 24 3.85 -7.43 6.65
N ARG A 25 3.00 -8.41 6.41
CA ARG A 25 2.67 -9.41 7.43
C ARG A 25 3.76 -10.48 7.51
N GLN A 26 4.39 -10.77 6.37
CA GLN A 26 5.44 -11.77 6.31
C GLN A 26 6.72 -11.27 6.99
N TYR A 27 7.25 -10.16 6.47
CA TYR A 27 8.46 -9.58 7.02
C TYR A 27 8.16 -8.69 8.22
N GLY A 28 7.59 -7.51 7.94
CA GLY A 28 7.26 -6.59 9.01
C GLY A 28 7.61 -5.15 8.66
N LYS A 29 8.24 -4.46 9.61
CA LYS A 29 8.64 -3.07 9.40
C LYS A 29 10.00 -2.99 8.72
N ASN A 30 10.06 -3.47 7.48
CA ASN A 30 11.30 -3.45 6.72
C ASN A 30 11.04 -3.16 5.24
N PHE A 31 10.29 -2.09 4.98
CA PHE A 31 9.95 -1.71 3.61
C PHE A 31 11.22 -1.58 2.76
N PHE A 32 12.33 -1.24 3.42
CA PHE A 32 13.60 -1.08 2.72
C PHE A 32 13.92 -2.31 1.88
N ARG A 33 13.68 -3.48 2.43
CA ARG A 33 13.94 -4.73 1.73
C ARG A 33 12.68 -5.27 1.09
N ILE A 34 11.57 -5.22 1.83
CA ILE A 34 10.29 -5.70 1.33
C ILE A 34 9.96 -5.08 -0.02
N ARG A 35 10.29 -3.80 -0.18
CA ARG A 35 10.02 -3.09 -1.42
C ARG A 35 10.99 -3.53 -2.52
N LYS A 36 12.25 -3.68 -2.15
CA LYS A 36 13.28 -4.11 -3.10
C LYS A 36 12.93 -5.46 -3.71
N GLU A 37 12.13 -6.24 -2.99
CA GLU A 37 11.73 -7.56 -3.46
C GLU A 37 10.33 -7.52 -4.05
N LEU A 38 9.48 -6.65 -3.50
CA LEU A 38 8.11 -6.52 -3.98
C LEU A 38 8.02 -5.49 -5.11
N LEU A 39 8.12 -4.22 -4.76
CA LEU A 39 8.06 -3.15 -5.75
C LEU A 39 9.35 -2.33 -5.75
N PRO A 40 10.42 -2.92 -6.29
CA PRO A 40 11.73 -2.26 -6.37
C PRO A 40 11.74 -1.10 -7.36
N ASN A 41 10.73 -1.06 -8.22
CA ASN A 41 10.63 0.00 -9.21
C ASN A 41 9.86 1.21 -8.66
N LYS A 42 9.01 0.96 -7.67
CA LYS A 42 8.24 2.02 -7.04
C LYS A 42 9.11 2.87 -6.13
N GLU A 43 8.50 3.82 -5.44
CA GLU A 43 9.21 4.71 -4.54
C GLU A 43 8.78 4.49 -3.10
N THR A 44 9.73 4.51 -2.17
CA THR A 44 9.44 4.32 -0.76
C THR A 44 8.34 5.26 -0.30
N GLY A 45 8.33 6.47 -0.85
CA GLY A 45 7.32 7.45 -0.48
C GLY A 45 5.92 6.90 -0.59
N GLU A 46 5.67 6.06 -1.58
CA GLU A 46 4.37 5.48 -1.80
C GLU A 46 4.04 4.46 -0.71
N LEU A 47 5.02 3.61 -0.38
CA LEU A 47 4.84 2.60 0.65
C LEU A 47 4.63 3.23 2.02
N ILE A 48 5.44 4.25 2.33
CA ILE A 48 5.33 4.94 3.60
C ILE A 48 4.00 5.67 3.72
N THR A 49 3.69 6.51 2.73
CA THR A 49 2.44 7.26 2.74
C THR A 49 1.24 6.33 2.79
N PHE A 50 1.26 5.29 1.97
CA PHE A 50 0.18 4.32 1.92
C PHE A 50 -0.01 3.65 3.28
N TYR A 51 1.09 3.25 3.89
CA TYR A 51 1.06 2.59 5.19
C TYR A 51 0.44 3.50 6.25
N TYR A 52 0.86 4.76 6.24
CA TYR A 52 0.35 5.73 7.20
C TYR A 52 -1.17 5.91 7.05
N TYR A 53 -1.59 6.15 5.81
CA TYR A 53 -3.01 6.35 5.52
C TYR A 53 -3.80 5.08 5.82
N TRP A 54 -3.19 3.93 5.55
CA TRP A 54 -3.84 2.64 5.78
C TRP A 54 -4.10 2.42 7.26
N LYS A 55 -3.04 2.53 8.07
CA LYS A 55 -3.16 2.34 9.50
C LYS A 55 -4.20 3.28 10.10
N LYS A 56 -4.36 4.44 9.48
CA LYS A 56 -5.33 5.44 9.94
C LYS A 56 -6.75 4.90 9.84
N THR A 57 -7.01 4.11 8.79
CA THR A 57 -8.33 3.53 8.58
C THR A 57 -9.40 4.61 8.49
N SER A 58 -9.56 5.18 7.30
CA SER A 58 -10.55 6.22 7.08
C SER A 58 -11.75 5.68 6.31
N GLY A 59 -12.90 6.35 6.48
CA GLY A 59 -14.10 5.91 5.80
C GLY A 59 -14.11 6.29 4.34
N PRO A 60 -15.11 5.79 3.59
CA PRO A 60 -15.25 6.07 2.16
C PRO A 60 -15.63 7.52 1.89
N SER A 61 -16.53 8.06 2.70
CA SER A 61 -16.99 9.43 2.55
C SER A 61 -17.59 9.65 1.16
N SER A 62 -18.60 8.86 0.83
CA SER A 62 -19.27 8.96 -0.47
C SER A 62 -20.65 9.57 -0.33
N GLY A 63 -20.98 10.51 -1.22
CA GLY A 63 -22.28 11.16 -1.17
C GLY A 63 -22.30 12.46 -1.93
N GLY A 1 -21.05 6.14 -19.42
CA GLY A 1 -20.13 5.85 -20.52
C GLY A 1 -18.73 5.57 -20.04
N SER A 2 -18.60 4.65 -19.09
CA SER A 2 -17.31 4.29 -18.53
C SER A 2 -16.55 5.53 -18.06
N SER A 3 -16.76 5.89 -16.80
CA SER A 3 -16.11 7.06 -16.22
C SER A 3 -14.59 6.93 -16.32
N GLY A 4 -13.92 8.07 -16.47
CA GLY A 4 -12.47 8.07 -16.58
C GLY A 4 -11.79 7.94 -15.24
N SER A 5 -11.44 9.08 -14.65
CA SER A 5 -10.77 9.09 -13.35
C SER A 5 -11.78 8.94 -12.22
N SER A 6 -11.45 8.08 -11.25
CA SER A 6 -12.34 7.85 -10.12
C SER A 6 -11.68 8.30 -8.81
N GLY A 7 -10.58 7.64 -8.46
CA GLY A 7 -9.87 7.98 -7.24
C GLY A 7 -9.42 6.76 -6.47
N ILE A 8 -10.06 5.63 -6.71
CA ILE A 8 -9.73 4.39 -6.03
C ILE A 8 -9.19 3.35 -7.02
N GLU A 9 -8.20 2.58 -6.58
CA GLU A 9 -7.60 1.55 -7.42
C GLU A 9 -7.06 2.16 -8.72
N LYS A 10 -6.70 3.44 -8.65
CA LYS A 10 -6.16 4.13 -9.81
C LYS A 10 -4.64 4.22 -9.75
N CYS A 11 -4.13 4.80 -8.67
CA CYS A 11 -2.68 4.94 -8.49
C CYS A 11 -2.06 3.62 -8.05
N TRP A 12 -2.63 3.01 -7.02
CA TRP A 12 -2.13 1.74 -6.52
C TRP A 12 -2.88 0.57 -7.14
N THR A 13 -2.15 -0.28 -7.85
CA THR A 13 -2.75 -1.44 -8.50
C THR A 13 -3.02 -2.56 -7.49
N GLU A 14 -3.96 -3.45 -7.83
CA GLU A 14 -4.30 -4.56 -6.96
C GLU A 14 -3.05 -5.33 -6.54
N ASP A 15 -2.25 -5.71 -7.53
CA ASP A 15 -1.02 -6.46 -7.26
C ASP A 15 -0.17 -5.75 -6.20
N GLU A 16 0.05 -4.46 -6.40
CA GLU A 16 0.86 -3.67 -5.47
C GLU A 16 0.26 -3.73 -4.07
N VAL A 17 -1.06 -3.77 -3.99
CA VAL A 17 -1.75 -3.82 -2.70
C VAL A 17 -1.53 -5.16 -2.02
N LYS A 18 -1.96 -6.24 -2.68
CA LYS A 18 -1.81 -7.58 -2.13
C LYS A 18 -0.37 -7.85 -1.72
N ARG A 19 0.57 -7.30 -2.50
CA ARG A 19 1.99 -7.47 -2.22
C ARG A 19 2.39 -6.72 -0.95
N PHE A 20 2.08 -5.44 -0.91
CA PHE A 20 2.40 -4.60 0.24
C PHE A 20 1.90 -5.24 1.54
N VAL A 21 0.67 -5.74 1.49
CA VAL A 21 0.06 -6.38 2.66
C VAL A 21 0.75 -7.70 2.97
N LYS A 22 1.02 -8.48 1.94
CA LYS A 22 1.67 -9.78 2.10
C LYS A 22 3.04 -9.62 2.75
N GLY A 23 3.82 -8.66 2.24
CA GLY A 23 5.15 -8.42 2.79
C GLY A 23 5.10 -7.77 4.15
N LEU A 24 4.13 -6.89 4.36
CA LEU A 24 3.98 -6.18 5.62
C LEU A 24 3.58 -7.15 6.73
N ARG A 25 2.81 -8.16 6.38
CA ARG A 25 2.36 -9.16 7.35
C ARG A 25 3.38 -10.28 7.49
N GLN A 26 4.08 -10.57 6.40
CA GLN A 26 5.09 -11.62 6.41
C GLN A 26 6.37 -11.16 7.10
N TYR A 27 6.95 -10.07 6.61
CA TYR A 27 8.17 -9.52 7.19
C TYR A 27 7.86 -8.64 8.38
N GLY A 28 7.34 -7.44 8.11
CA GLY A 28 7.00 -6.52 9.18
C GLY A 28 7.42 -5.10 8.87
N LYS A 29 8.24 -4.52 9.74
CA LYS A 29 8.72 -3.16 9.55
C LYS A 29 10.09 -3.14 8.88
N ASN A 30 10.09 -3.30 7.56
CA ASN A 30 11.33 -3.31 6.80
C ASN A 30 11.06 -3.06 5.31
N PHE A 31 10.34 -1.98 5.02
CA PHE A 31 10.02 -1.64 3.64
C PHE A 31 11.28 -1.53 2.79
N PHE A 32 12.40 -1.22 3.44
CA PHE A 32 13.68 -1.09 2.75
C PHE A 32 13.96 -2.32 1.88
N ARG A 33 13.74 -3.50 2.47
CA ARG A 33 13.98 -4.75 1.76
C ARG A 33 12.69 -5.26 1.12
N ILE A 34 11.59 -5.18 1.87
CA ILE A 34 10.30 -5.64 1.36
C ILE A 34 9.98 -5.00 0.02
N ARG A 35 10.42 -3.76 -0.16
CA ARG A 35 10.17 -3.03 -1.40
C ARG A 35 11.05 -3.56 -2.53
N LYS A 36 12.33 -3.74 -2.23
CA LYS A 36 13.28 -4.25 -3.21
C LYS A 36 12.85 -5.61 -3.74
N GLU A 37 12.02 -6.31 -2.96
CA GLU A 37 11.53 -7.62 -3.36
C GLU A 37 10.12 -7.52 -3.96
N LEU A 38 9.32 -6.62 -3.40
CA LEU A 38 7.95 -6.43 -3.87
C LEU A 38 7.91 -5.41 -5.01
N LEU A 39 8.06 -4.14 -4.66
CA LEU A 39 8.04 -3.07 -5.65
C LEU A 39 9.36 -2.33 -5.68
N PRO A 40 10.40 -2.97 -6.26
CA PRO A 40 11.73 -2.39 -6.36
C PRO A 40 11.78 -1.23 -7.36
N ASN A 41 10.75 -1.11 -8.18
CA ASN A 41 10.67 -0.05 -9.17
C ASN A 41 9.92 1.15 -8.63
N LYS A 42 9.02 0.90 -7.66
CA LYS A 42 8.24 1.96 -7.05
C LYS A 42 9.10 2.83 -6.14
N GLU A 43 8.48 3.84 -5.54
CA GLU A 43 9.19 4.74 -4.64
C GLU A 43 8.74 4.53 -3.20
N THR A 44 9.67 4.76 -2.27
CA THR A 44 9.38 4.59 -0.84
C THR A 44 8.24 5.51 -0.41
N GLY A 45 8.13 6.66 -1.06
CA GLY A 45 7.09 7.61 -0.72
C GLY A 45 5.71 6.97 -0.72
N GLU A 46 5.45 6.12 -1.71
CA GLU A 46 4.16 5.45 -1.82
C GLU A 46 4.00 4.42 -0.72
N LEU A 47 5.04 3.61 -0.49
CA LEU A 47 5.01 2.59 0.54
C LEU A 47 4.76 3.20 1.92
N ILE A 48 5.52 4.23 2.24
CA ILE A 48 5.39 4.91 3.52
C ILE A 48 4.03 5.58 3.65
N THR A 49 3.70 6.44 2.69
CA THR A 49 2.42 7.14 2.69
C THR A 49 1.26 6.16 2.80
N PHE A 50 1.30 5.11 1.99
CA PHE A 50 0.25 4.10 1.98
C PHE A 50 0.16 3.40 3.33
N TYR A 51 1.33 3.10 3.90
CA TYR A 51 1.38 2.41 5.20
C TYR A 51 0.70 3.25 6.28
N TYR A 52 1.00 4.54 6.29
CA TYR A 52 0.41 5.45 7.27
C TYR A 52 -1.10 5.56 7.10
N TYR A 53 -1.52 5.88 5.87
CA TYR A 53 -2.93 6.01 5.56
C TYR A 53 -3.68 4.71 5.85
N TRP A 54 -3.07 3.59 5.51
CA TRP A 54 -3.67 2.28 5.73
C TRP A 54 -3.86 2.01 7.22
N LYS A 55 -2.80 2.21 8.00
CA LYS A 55 -2.85 1.98 9.43
C LYS A 55 -3.89 2.89 10.08
N LYS A 56 -4.03 4.10 9.56
CA LYS A 56 -5.00 5.06 10.09
C LYS A 56 -6.35 4.91 9.39
N THR A 57 -6.90 3.71 9.44
CA THR A 57 -8.19 3.44 8.81
C THR A 57 -9.33 4.08 9.59
N SER A 58 -10.44 4.35 8.90
CA SER A 58 -11.60 4.96 9.54
C SER A 58 -12.86 4.73 8.70
N GLY A 59 -12.75 4.97 7.40
CA GLY A 59 -13.88 4.78 6.51
C GLY A 59 -14.92 5.88 6.65
N PRO A 60 -15.93 5.86 5.77
CA PRO A 60 -17.00 6.86 5.79
C PRO A 60 -17.92 6.72 7.00
N SER A 61 -18.14 7.82 7.69
CA SER A 61 -19.00 7.82 8.88
C SER A 61 -18.44 6.88 9.95
N SER A 62 -19.21 6.67 11.01
CA SER A 62 -18.80 5.80 12.10
C SER A 62 -19.15 4.35 11.80
N GLY A 63 -18.67 3.86 10.65
CA GLY A 63 -18.94 2.48 10.26
C GLY A 63 -18.10 1.49 11.05
N GLY A 1 -13.40 -0.55 14.90
CA GLY A 1 -12.17 -0.09 14.28
C GLY A 1 -12.21 -0.20 12.77
N SER A 2 -13.41 -0.20 12.21
CA SER A 2 -13.57 -0.31 10.76
C SER A 2 -14.71 0.58 10.27
N SER A 3 -14.66 0.94 9.00
CA SER A 3 -15.68 1.80 8.40
C SER A 3 -15.69 1.66 6.88
N GLY A 4 -16.53 2.47 6.23
CA GLY A 4 -16.62 2.41 4.77
C GLY A 4 -16.85 3.78 4.17
N SER A 5 -15.76 4.52 3.95
CA SER A 5 -15.85 5.85 3.38
C SER A 5 -14.80 6.04 2.28
N SER A 6 -15.24 6.04 1.03
CA SER A 6 -14.35 6.21 -0.10
C SER A 6 -13.34 5.07 -0.17
N GLY A 7 -13.69 4.02 -0.91
CA GLY A 7 -12.80 2.87 -1.04
C GLY A 7 -11.98 2.92 -2.31
N ILE A 8 -11.55 4.12 -2.69
CA ILE A 8 -10.74 4.31 -3.89
C ILE A 8 -9.35 4.82 -3.55
N GLU A 9 -8.37 4.48 -4.39
CA GLU A 9 -7.00 4.90 -4.17
C GLU A 9 -6.33 5.28 -5.50
N LYS A 10 -5.26 6.07 -5.41
CA LYS A 10 -4.54 6.51 -6.59
C LYS A 10 -3.10 6.02 -6.56
N CYS A 11 -2.52 5.81 -7.73
CA CYS A 11 -1.14 5.34 -7.84
C CYS A 11 -0.94 4.06 -7.03
N TRP A 12 -1.97 3.22 -7.01
CA TRP A 12 -1.91 1.96 -6.28
C TRP A 12 -2.88 0.93 -6.88
N THR A 13 -2.32 -0.11 -7.49
CA THR A 13 -3.14 -1.15 -8.09
C THR A 13 -3.44 -2.26 -7.09
N GLU A 14 -4.22 -3.25 -7.53
CA GLU A 14 -4.59 -4.37 -6.68
C GLU A 14 -3.37 -5.22 -6.34
N ASP A 15 -2.55 -5.49 -7.35
CA ASP A 15 -1.35 -6.29 -7.15
C ASP A 15 -0.43 -5.66 -6.11
N GLU A 16 -0.13 -4.38 -6.29
CA GLU A 16 0.73 -3.66 -5.37
C GLU A 16 0.23 -3.79 -3.93
N VAL A 17 -1.03 -3.40 -3.72
CA VAL A 17 -1.63 -3.49 -2.39
C VAL A 17 -1.47 -4.88 -1.79
N LYS A 18 -1.88 -5.90 -2.54
CA LYS A 18 -1.78 -7.27 -2.09
C LYS A 18 -0.36 -7.59 -1.63
N ARG A 19 0.61 -7.30 -2.48
CA ARG A 19 2.00 -7.56 -2.17
C ARG A 19 2.42 -6.82 -0.90
N PHE A 20 2.07 -5.55 -0.82
CA PHE A 20 2.41 -4.74 0.35
C PHE A 20 1.95 -5.42 1.64
N VAL A 21 0.66 -5.74 1.71
CA VAL A 21 0.10 -6.41 2.88
C VAL A 21 0.82 -7.71 3.18
N LYS A 22 1.07 -8.49 2.13
CA LYS A 22 1.76 -9.77 2.27
C LYS A 22 3.14 -9.58 2.89
N GLY A 23 3.99 -8.83 2.20
CA GLY A 23 5.33 -8.57 2.69
C GLY A 23 5.33 -7.95 4.07
N LEU A 24 4.31 -7.15 4.35
CA LEU A 24 4.19 -6.48 5.65
C LEU A 24 3.99 -7.49 6.77
N ARG A 25 3.03 -8.39 6.58
CA ARG A 25 2.73 -9.42 7.57
C ARG A 25 3.81 -10.50 7.58
N GLN A 26 4.47 -10.67 6.45
CA GLN A 26 5.52 -11.67 6.31
C GLN A 26 6.80 -11.20 6.99
N TYR A 27 7.33 -10.08 6.53
CA TYR A 27 8.57 -9.52 7.08
C TYR A 27 8.27 -8.66 8.30
N GLY A 28 7.72 -7.46 8.06
CA GLY A 28 7.41 -6.55 9.14
C GLY A 28 7.60 -5.10 8.76
N LYS A 29 8.44 -4.41 9.51
CA LYS A 29 8.72 -3.00 9.26
C LYS A 29 10.08 -2.83 8.58
N ASN A 30 10.24 -3.45 7.42
CA ASN A 30 11.50 -3.37 6.67
C ASN A 30 11.22 -3.09 5.20
N PHE A 31 10.57 -1.97 4.92
CA PHE A 31 10.25 -1.59 3.55
C PHE A 31 11.51 -1.54 2.70
N PHE A 32 12.65 -1.30 3.33
CA PHE A 32 13.93 -1.23 2.63
C PHE A 32 14.14 -2.46 1.76
N ARG A 33 13.85 -3.63 2.32
CA ARG A 33 14.01 -4.89 1.61
C ARG A 33 12.68 -5.34 0.99
N ILE A 34 11.61 -5.23 1.76
CA ILE A 34 10.28 -5.61 1.30
C ILE A 34 9.96 -4.96 -0.04
N ARG A 35 10.43 -3.73 -0.22
CA ARG A 35 10.19 -2.99 -1.46
C ARG A 35 11.04 -3.53 -2.59
N LYS A 36 12.33 -3.75 -2.32
CA LYS A 36 13.25 -4.27 -3.31
C LYS A 36 12.77 -5.62 -3.84
N GLU A 37 11.95 -6.30 -3.04
CA GLU A 37 11.42 -7.61 -3.43
C GLU A 37 10.02 -7.48 -4.01
N LEU A 38 9.24 -6.55 -3.44
CA LEU A 38 7.87 -6.33 -3.90
C LEU A 38 7.83 -5.31 -5.04
N LEU A 39 8.01 -4.05 -4.68
CA LEU A 39 7.99 -2.97 -5.67
C LEU A 39 9.33 -2.25 -5.72
N PRO A 40 10.34 -2.91 -6.30
CA PRO A 40 11.69 -2.36 -6.43
C PRO A 40 11.75 -1.19 -7.41
N ASN A 41 10.70 -1.05 -8.21
CA ASN A 41 10.64 0.02 -9.20
C ASN A 41 9.94 1.25 -8.63
N LYS A 42 9.08 1.03 -7.63
CA LYS A 42 8.36 2.12 -6.99
C LYS A 42 9.26 2.89 -6.03
N GLU A 43 8.68 3.85 -5.32
CA GLU A 43 9.44 4.65 -4.37
C GLU A 43 9.01 4.36 -2.94
N THR A 44 9.87 4.67 -1.98
CA THR A 44 9.57 4.44 -0.58
C THR A 44 8.42 5.31 -0.10
N GLY A 45 8.37 6.55 -0.60
CA GLY A 45 7.31 7.45 -0.22
C GLY A 45 5.93 6.85 -0.40
N GLU A 46 5.74 6.17 -1.52
CA GLU A 46 4.46 5.54 -1.82
C GLU A 46 4.11 4.47 -0.78
N LEU A 47 5.12 3.69 -0.40
CA LEU A 47 4.93 2.63 0.59
C LEU A 47 4.61 3.21 1.95
N ILE A 48 5.44 4.15 2.40
CA ILE A 48 5.25 4.79 3.70
C ILE A 48 3.90 5.49 3.77
N THR A 49 3.64 6.35 2.78
CA THR A 49 2.38 7.09 2.73
C THR A 49 1.19 6.14 2.72
N PHE A 50 1.23 5.14 1.86
CA PHE A 50 0.15 4.16 1.76
C PHE A 50 -0.03 3.42 3.09
N TYR A 51 1.07 3.18 3.78
CA TYR A 51 1.04 2.48 5.05
C TYR A 51 0.34 3.31 6.12
N TYR A 52 0.67 4.59 6.17
CA TYR A 52 0.07 5.50 7.15
C TYR A 52 -1.40 5.74 6.84
N TYR A 53 -1.71 5.92 5.55
CA TYR A 53 -3.08 6.16 5.12
C TYR A 53 -3.94 4.91 5.33
N TRP A 54 -3.34 3.75 5.13
CA TRP A 54 -4.05 2.48 5.30
C TRP A 54 -4.20 2.14 6.78
N LYS A 55 -3.11 2.25 7.53
CA LYS A 55 -3.14 1.95 8.96
C LYS A 55 -4.12 2.87 9.69
N LYS A 56 -4.06 4.16 9.37
CA LYS A 56 -4.95 5.14 10.00
C LYS A 56 -6.18 5.39 9.13
N THR A 57 -7.23 4.59 9.37
CA THR A 57 -8.46 4.73 8.61
C THR A 57 -9.22 6.00 9.00
N SER A 58 -9.27 6.96 8.08
CA SER A 58 -9.95 8.22 8.33
C SER A 58 -10.77 8.65 7.12
N GLY A 59 -10.14 8.61 5.94
CA GLY A 59 -10.81 9.00 4.72
C GLY A 59 -10.67 10.48 4.42
N PRO A 60 -11.18 10.90 3.26
CA PRO A 60 -11.11 12.30 2.82
C PRO A 60 -12.02 13.20 3.66
N SER A 61 -13.12 12.65 4.13
CA SER A 61 -14.08 13.41 4.93
C SER A 61 -14.65 14.58 4.15
N SER A 62 -15.67 15.23 4.71
CA SER A 62 -16.30 16.36 4.06
C SER A 62 -15.46 17.62 4.19
N GLY A 63 -15.34 18.37 3.11
CA GLY A 63 -14.56 19.59 3.13
C GLY A 63 -13.13 19.37 2.67
N GLY A 1 -27.31 1.05 -7.79
CA GLY A 1 -26.36 1.76 -8.63
C GLY A 1 -24.99 1.81 -8.00
N SER A 2 -24.69 2.91 -7.31
CA SER A 2 -23.39 3.08 -6.66
C SER A 2 -23.56 3.67 -5.26
N SER A 3 -23.43 2.81 -4.25
CA SER A 3 -23.57 3.24 -2.87
C SER A 3 -22.22 3.68 -2.29
N GLY A 4 -21.17 2.91 -2.58
CA GLY A 4 -19.86 3.23 -2.09
C GLY A 4 -18.82 2.18 -2.46
N SER A 5 -17.85 2.57 -3.30
CA SER A 5 -16.82 1.65 -3.73
C SER A 5 -15.95 1.20 -2.55
N SER A 6 -15.58 -0.08 -2.55
CA SER A 6 -14.76 -0.63 -1.47
C SER A 6 -13.39 0.03 -1.45
N GLY A 7 -12.65 -0.12 -2.55
CA GLY A 7 -11.32 0.45 -2.63
C GLY A 7 -10.46 -0.19 -3.70
N ILE A 8 -10.38 0.46 -4.85
CA ILE A 8 -9.59 -0.06 -5.96
C ILE A 8 -8.40 0.85 -6.27
N GLU A 9 -8.53 2.12 -5.91
CA GLU A 9 -7.47 3.09 -6.15
C GLU A 9 -7.17 3.23 -7.64
N LYS A 10 -6.24 4.11 -7.97
CA LYS A 10 -5.86 4.34 -9.36
C LYS A 10 -4.43 3.89 -9.62
N CYS A 11 -3.49 4.50 -8.90
CA CYS A 11 -2.08 4.16 -9.05
C CYS A 11 -1.77 2.81 -8.41
N TRP A 12 -2.24 2.63 -7.17
CA TRP A 12 -2.01 1.39 -6.44
C TRP A 12 -2.91 0.28 -6.97
N THR A 13 -2.38 -0.54 -7.87
CA THR A 13 -3.13 -1.64 -8.46
C THR A 13 -3.36 -2.75 -7.43
N GLU A 14 -4.33 -3.62 -7.71
CA GLU A 14 -4.65 -4.72 -6.81
C GLU A 14 -3.39 -5.54 -6.51
N ASP A 15 -2.57 -5.76 -7.52
CA ASP A 15 -1.35 -6.52 -7.36
C ASP A 15 -0.41 -5.85 -6.35
N GLU A 16 -0.13 -4.57 -6.57
CA GLU A 16 0.74 -3.82 -5.68
C GLU A 16 0.29 -3.95 -4.23
N VAL A 17 -0.95 -3.53 -3.96
CA VAL A 17 -1.51 -3.59 -2.62
C VAL A 17 -1.36 -5.00 -2.03
N LYS A 18 -1.74 -6.01 -2.82
CA LYS A 18 -1.64 -7.39 -2.37
C LYS A 18 -0.25 -7.70 -1.85
N ARG A 19 0.76 -7.42 -2.67
CA ARG A 19 2.15 -7.67 -2.30
C ARG A 19 2.52 -6.91 -1.03
N PHE A 20 2.13 -5.63 -0.97
CA PHE A 20 2.42 -4.80 0.19
C PHE A 20 1.96 -5.47 1.47
N VAL A 21 0.67 -5.81 1.53
CA VAL A 21 0.10 -6.46 2.71
C VAL A 21 0.81 -7.78 2.99
N LYS A 22 1.09 -8.53 1.93
CA LYS A 22 1.76 -9.82 2.06
C LYS A 22 3.11 -9.66 2.73
N GLY A 23 4.01 -8.94 2.08
CA GLY A 23 5.34 -8.74 2.62
C GLY A 23 5.31 -8.04 3.96
N LEU A 24 4.27 -7.24 4.19
CA LEU A 24 4.12 -6.52 5.45
C LEU A 24 3.91 -7.48 6.61
N ARG A 25 2.82 -8.24 6.56
CA ARG A 25 2.50 -9.19 7.60
C ARG A 25 3.51 -10.34 7.63
N GLN A 26 4.11 -10.61 6.46
CA GLN A 26 5.09 -11.68 6.36
C GLN A 26 6.41 -11.28 7.03
N TYR A 27 6.98 -10.17 6.57
CA TYR A 27 8.24 -9.68 7.13
C TYR A 27 7.99 -8.76 8.32
N GLY A 28 7.52 -7.55 8.04
CA GLY A 28 7.25 -6.60 9.09
C GLY A 28 7.73 -5.20 8.75
N LYS A 29 8.24 -4.49 9.75
CA LYS A 29 8.73 -3.13 9.55
C LYS A 29 10.09 -3.14 8.87
N ASN A 30 10.10 -3.33 7.55
CA ASN A 30 11.33 -3.35 6.78
C ASN A 30 11.05 -3.11 5.30
N PHE A 31 10.36 -2.02 5.00
CA PHE A 31 10.02 -1.67 3.62
C PHE A 31 11.29 -1.59 2.77
N PHE A 32 12.41 -1.30 3.41
CA PHE A 32 13.68 -1.19 2.70
C PHE A 32 13.95 -2.43 1.85
N ARG A 33 13.76 -3.60 2.45
CA ARG A 33 13.99 -4.86 1.76
C ARG A 33 12.69 -5.34 1.10
N ILE A 34 11.60 -5.26 1.84
CA ILE A 34 10.29 -5.69 1.33
C ILE A 34 9.99 -5.05 -0.02
N ARG A 35 10.43 -3.80 -0.19
CA ARG A 35 10.20 -3.08 -1.43
C ARG A 35 11.13 -3.59 -2.53
N LYS A 36 12.40 -3.75 -2.20
CA LYS A 36 13.39 -4.23 -3.16
C LYS A 36 13.00 -5.60 -3.69
N GLU A 37 12.17 -6.31 -2.93
CA GLU A 37 11.73 -7.65 -3.33
C GLU A 37 10.34 -7.59 -3.95
N LEU A 38 9.50 -6.69 -3.44
CA LEU A 38 8.14 -6.54 -3.95
C LEU A 38 8.10 -5.53 -5.08
N LEU A 39 8.20 -4.25 -4.73
CA LEU A 39 8.17 -3.18 -5.72
C LEU A 39 9.48 -2.40 -5.73
N PRO A 40 10.53 -3.01 -6.27
CA PRO A 40 11.86 -2.39 -6.34
C PRO A 40 11.90 -1.23 -7.33
N ASN A 41 10.88 -1.14 -8.19
CA ASN A 41 10.80 -0.07 -9.17
C ASN A 41 10.03 1.12 -8.63
N LYS A 42 9.14 0.85 -7.68
CA LYS A 42 8.33 1.90 -7.07
C LYS A 42 9.17 2.77 -6.14
N GLU A 43 8.53 3.77 -5.53
CA GLU A 43 9.23 4.67 -4.62
C GLU A 43 8.82 4.41 -3.17
N THR A 44 9.69 4.76 -2.24
CA THR A 44 9.42 4.56 -0.82
C THR A 44 8.30 5.48 -0.34
N GLY A 45 8.24 6.68 -0.91
CA GLY A 45 7.20 7.63 -0.52
C GLY A 45 5.81 7.04 -0.59
N GLU A 46 5.56 6.23 -1.62
CA GLU A 46 4.26 5.60 -1.79
C GLU A 46 4.03 4.54 -0.72
N LEU A 47 5.05 3.76 -0.43
CA LEU A 47 4.96 2.71 0.58
C LEU A 47 4.67 3.29 1.95
N ILE A 48 5.47 4.28 2.35
CA ILE A 48 5.30 4.93 3.64
C ILE A 48 3.94 5.62 3.74
N THR A 49 3.65 6.46 2.74
CA THR A 49 2.39 7.19 2.71
C THR A 49 1.20 6.24 2.79
N PHE A 50 1.24 5.18 1.99
CA PHE A 50 0.16 4.19 1.97
C PHE A 50 0.01 3.53 3.35
N TYR A 51 1.13 3.16 3.94
CA TYR A 51 1.13 2.52 5.25
C TYR A 51 0.49 3.43 6.30
N TYR A 52 0.81 4.71 6.23
CA TYR A 52 0.27 5.69 7.17
C TYR A 52 -1.23 5.84 7.01
N TYR A 53 -1.67 6.00 5.76
CA TYR A 53 -3.10 6.16 5.46
C TYR A 53 -3.86 4.88 5.80
N TRP A 54 -3.20 3.74 5.62
CA TRP A 54 -3.82 2.45 5.91
C TRP A 54 -3.98 2.24 7.41
N LYS A 55 -2.94 2.59 8.16
CA LYS A 55 -2.95 2.43 9.62
C LYS A 55 -3.95 3.40 10.25
N LYS A 56 -4.10 4.57 9.63
CA LYS A 56 -5.02 5.58 10.13
C LYS A 56 -6.46 5.09 10.07
N THR A 57 -6.85 4.59 8.90
CA THR A 57 -8.21 4.09 8.70
C THR A 57 -8.20 2.59 8.36
N SER A 58 -8.76 1.79 9.25
CA SER A 58 -8.81 0.34 9.04
C SER A 58 -10.20 -0.09 8.60
N GLY A 59 -10.32 -1.35 8.19
CA GLY A 59 -11.60 -1.87 7.75
C GLY A 59 -12.54 -2.15 8.90
N PRO A 60 -13.66 -2.83 8.61
CA PRO A 60 -14.67 -3.16 9.61
C PRO A 60 -14.17 -4.22 10.60
N SER A 61 -13.49 -5.24 10.09
CA SER A 61 -12.96 -6.31 10.93
C SER A 61 -11.43 -6.29 10.94
N SER A 62 -10.85 -6.47 9.76
CA SER A 62 -9.39 -6.48 9.63
C SER A 62 -8.78 -5.21 10.23
N GLY A 63 -8.03 -5.39 11.31
CA GLY A 63 -7.40 -4.25 11.97
C GLY A 63 -8.01 -3.96 13.33
N GLY A 1 -15.52 -7.27 -1.07
CA GLY A 1 -14.95 -5.97 -1.35
C GLY A 1 -14.20 -5.93 -2.66
N SER A 2 -14.70 -6.66 -3.65
CA SER A 2 -14.05 -6.71 -4.96
C SER A 2 -13.96 -5.32 -5.57
N SER A 3 -15.11 -4.79 -6.00
CA SER A 3 -15.16 -3.46 -6.61
C SER A 3 -16.54 -2.83 -6.43
N GLY A 4 -16.69 -2.09 -5.33
CA GLY A 4 -17.96 -1.45 -5.06
C GLY A 4 -17.95 0.02 -5.40
N SER A 5 -18.83 0.79 -4.76
CA SER A 5 -18.92 2.22 -5.01
C SER A 5 -17.58 2.90 -4.77
N SER A 6 -17.18 2.98 -3.51
CA SER A 6 -15.91 3.60 -3.14
C SER A 6 -14.73 2.68 -3.48
N GLY A 7 -13.90 3.12 -4.42
CA GLY A 7 -12.75 2.32 -4.82
C GLY A 7 -11.55 3.17 -5.18
N ILE A 8 -10.53 3.16 -4.33
CA ILE A 8 -9.33 3.94 -4.58
C ILE A 8 -8.45 3.28 -5.64
N GLU A 9 -7.99 4.10 -6.58
CA GLU A 9 -7.14 3.60 -7.65
C GLU A 9 -6.13 4.66 -8.11
N LYS A 10 -5.01 4.75 -7.40
CA LYS A 10 -3.98 5.71 -7.71
C LYS A 10 -2.59 5.10 -7.53
N CYS A 11 -2.02 4.60 -8.63
CA CYS A 11 -0.70 3.99 -8.59
C CYS A 11 -0.63 2.89 -7.54
N TRP A 12 -1.78 2.28 -7.26
CA TRP A 12 -1.85 1.22 -6.26
C TRP A 12 -2.92 0.20 -6.63
N THR A 13 -2.64 -0.60 -7.66
CA THR A 13 -3.58 -1.62 -8.12
C THR A 13 -3.71 -2.74 -7.10
N GLU A 14 -4.59 -3.70 -7.39
CA GLU A 14 -4.80 -4.83 -6.49
C GLU A 14 -3.50 -5.59 -6.27
N ASP A 15 -2.73 -5.77 -7.33
CA ASP A 15 -1.46 -6.49 -7.25
C ASP A 15 -0.53 -5.83 -6.24
N GLU A 16 -0.24 -4.54 -6.46
CA GLU A 16 0.64 -3.79 -5.57
C GLU A 16 0.19 -3.92 -4.12
N VAL A 17 -1.08 -3.58 -3.88
CA VAL A 17 -1.64 -3.65 -2.54
C VAL A 17 -1.44 -5.03 -1.93
N LYS A 18 -1.86 -6.07 -2.66
CA LYS A 18 -1.72 -7.44 -2.20
C LYS A 18 -0.29 -7.73 -1.77
N ARG A 19 0.67 -7.27 -2.56
CA ARG A 19 2.08 -7.48 -2.27
C ARG A 19 2.48 -6.78 -0.97
N PHE A 20 2.14 -5.50 -0.87
CA PHE A 20 2.45 -4.72 0.32
C PHE A 20 1.97 -5.43 1.58
N VAL A 21 0.71 -5.86 1.57
CA VAL A 21 0.13 -6.55 2.72
C VAL A 21 0.86 -7.85 3.00
N LYS A 22 1.12 -8.62 1.94
CA LYS A 22 1.82 -9.89 2.08
C LYS A 22 3.19 -9.70 2.72
N GLY A 23 3.93 -8.72 2.24
CA GLY A 23 5.26 -8.44 2.79
C GLY A 23 5.19 -7.85 4.18
N LEU A 24 4.27 -6.93 4.38
CA LEU A 24 4.10 -6.29 5.68
C LEU A 24 3.67 -7.29 6.75
N ARG A 25 2.97 -8.33 6.31
CA ARG A 25 2.50 -9.37 7.23
C ARG A 25 3.55 -10.47 7.39
N GLN A 26 4.22 -10.81 6.29
CA GLN A 26 5.24 -11.85 6.31
C GLN A 26 6.50 -11.36 7.03
N TYR A 27 7.09 -10.29 6.50
CA TYR A 27 8.29 -9.72 7.08
C TYR A 27 7.97 -8.88 8.30
N GLY A 28 7.41 -7.69 8.07
CA GLY A 28 7.06 -6.80 9.17
C GLY A 28 7.41 -5.36 8.88
N LYS A 29 8.39 -4.84 9.62
CA LYS A 29 8.84 -3.47 9.45
C LYS A 29 10.21 -3.42 8.80
N ASN A 30 10.24 -3.35 7.47
CA ASN A 30 11.49 -3.30 6.73
C ASN A 30 11.23 -3.03 5.24
N PHE A 31 10.58 -1.91 4.95
CA PHE A 31 10.27 -1.54 3.58
C PHE A 31 11.53 -1.50 2.73
N PHE A 32 12.66 -1.25 3.37
CA PHE A 32 13.95 -1.18 2.69
C PHE A 32 14.17 -2.41 1.82
N ARG A 33 13.88 -3.58 2.40
CA ARG A 33 14.05 -4.84 1.68
C ARG A 33 12.73 -5.30 1.07
N ILE A 34 11.66 -5.19 1.84
CA ILE A 34 10.35 -5.60 1.37
C ILE A 34 10.01 -4.95 0.02
N ARG A 35 10.47 -3.73 -0.16
CA ARG A 35 10.22 -3.00 -1.40
C ARG A 35 11.10 -3.55 -2.52
N LYS A 36 12.38 -3.75 -2.23
CA LYS A 36 13.32 -4.28 -3.21
C LYS A 36 12.86 -5.62 -3.75
N GLU A 37 12.02 -6.31 -2.98
CA GLU A 37 11.50 -7.62 -3.38
C GLU A 37 10.09 -7.49 -3.95
N LEU A 38 9.32 -6.57 -3.39
CA LEU A 38 7.94 -6.35 -3.84
C LEU A 38 7.91 -5.33 -4.98
N LEU A 39 8.09 -4.06 -4.64
CA LEU A 39 8.08 -3.00 -5.64
C LEU A 39 9.42 -2.27 -5.69
N PRO A 40 10.44 -2.95 -6.26
CA PRO A 40 11.78 -2.39 -6.38
C PRO A 40 11.84 -1.24 -7.38
N ASN A 41 10.81 -1.13 -8.21
CA ASN A 41 10.75 -0.07 -9.22
C ASN A 41 10.07 1.17 -8.65
N LYS A 42 9.20 0.97 -7.67
CA LYS A 42 8.47 2.07 -7.05
C LYS A 42 9.38 2.82 -6.07
N GLU A 43 8.79 3.79 -5.36
CA GLU A 43 9.54 4.58 -4.40
C GLU A 43 9.08 4.27 -2.97
N THR A 44 9.83 4.77 -1.99
CA THR A 44 9.50 4.55 -0.59
C THR A 44 8.37 5.47 -0.14
N GLY A 45 8.32 6.67 -0.70
CA GLY A 45 7.29 7.62 -0.36
C GLY A 45 5.89 7.02 -0.46
N GLU A 46 5.68 6.19 -1.48
CA GLU A 46 4.39 5.55 -1.70
C GLU A 46 4.11 4.50 -0.61
N LEU A 47 5.09 3.62 -0.38
CA LEU A 47 4.94 2.57 0.62
C LEU A 47 4.67 3.17 1.99
N ILE A 48 5.47 4.16 2.37
CA ILE A 48 5.32 4.82 3.66
C ILE A 48 3.99 5.55 3.75
N THR A 49 3.78 6.49 2.84
CA THR A 49 2.54 7.27 2.81
C THR A 49 1.32 6.35 2.83
N PHE A 50 1.31 5.37 1.95
CA PHE A 50 0.20 4.42 1.86
C PHE A 50 0.02 3.67 3.17
N TYR A 51 1.12 3.24 3.76
CA TYR A 51 1.08 2.51 5.02
C TYR A 51 0.42 3.34 6.11
N TYR A 52 0.75 4.64 6.14
CA TYR A 52 0.18 5.54 7.13
C TYR A 52 -1.31 5.75 6.90
N TYR A 53 -1.66 6.06 5.66
CA TYR A 53 -3.06 6.28 5.30
C TYR A 53 -3.89 5.03 5.52
N TRP A 54 -3.29 3.88 5.30
CA TRP A 54 -3.97 2.59 5.48
C TRP A 54 -4.14 2.27 6.96
N LYS A 55 -3.02 2.20 7.68
CA LYS A 55 -3.05 1.90 9.10
C LYS A 55 -3.89 2.93 9.86
N LYS A 56 -3.98 4.13 9.31
CA LYS A 56 -4.75 5.20 9.92
C LYS A 56 -5.96 5.57 9.07
N THR A 57 -6.91 4.65 8.97
CA THR A 57 -8.11 4.87 8.18
C THR A 57 -9.37 4.59 9.00
N SER A 58 -10.47 5.26 8.65
CA SER A 58 -11.72 5.09 9.35
C SER A 58 -12.87 4.85 8.38
N GLY A 59 -12.87 5.59 7.28
CA GLY A 59 -13.91 5.44 6.28
C GLY A 59 -14.53 6.77 5.88
N PRO A 60 -15.58 6.71 5.06
CA PRO A 60 -16.28 7.91 4.58
C PRO A 60 -17.07 8.59 5.71
N SER A 61 -16.39 9.46 6.44
CA SER A 61 -17.02 10.18 7.54
C SER A 61 -17.61 9.22 8.57
N SER A 62 -16.73 8.48 9.24
CA SER A 62 -17.16 7.51 10.24
C SER A 62 -18.09 6.47 9.63
N GLY A 63 -17.58 5.73 8.66
CA GLY A 63 -18.38 4.71 8.01
C GLY A 63 -18.84 3.63 8.97
#